data_2YGW
#
_entry.id   2YGW
#
_cell.length_a   95.627
_cell.length_b   175.342
_cell.length_c   151.756
_cell.angle_alpha   90.00
_cell.angle_beta   90.00
_cell.angle_gamma   90.00
#
_symmetry.space_group_name_H-M   'C 2 2 21'
#
loop_
_entity.id
_entity.type
_entity.pdbx_description
1 polymer 'MALONYL-COA DECARBOXYLASE, MITOCHONDRIAL'
2 non-polymer 'UNKNOWN ATOM OR ION'
3 non-polymer 1,2-ETHANEDIOL
4 water water
#
_entity_poly.entity_id   1
_entity_poly.type   'polypeptide(L)'
_entity_poly.pdbx_seq_one_letter_code
;GTENLYFQSMDELLRRAVPPTPAYELRAATPAPAEGQCADFVSFYGGLAETAQRAELLGRLARGFGVDHGQVAEQSAGVL
HLRQQQREAAVLLQAEDRLRYALVPRYRGLFHHISKLDGGVRFLVQLRADLLEAQALKLVEGPDVREMNGVLKGMLSEWF
SSGFLNLERVTWHSPCEVLQKISEAEAVHPVKNWMDMKRRVGPYRRCYFFSHCSTPGEPLVVLHVALTGDISSNIQAIVK
EHPPSETAAANKITAAIFYSISLTQQGLQGVELGTFLIKRVVKELQREFPHLGVFSSLSPIPGFTKWLLGLLNSQTKEHG
RNELFTDSECKEISEITGGPINETLKLLLSSSEWVQSEKLVRALQTPLMRLCAWYLYGEKHRGYALNPVANFHLQNGAVL
WRINWMADVSLRGITGSCGLMANYRYFLEETGPNSTSYLGSKIIKASEQVLSLVAQFQKN
;
_entity_poly.pdbx_strand_id   A,B
#
loop_
_chem_comp.id
_chem_comp.type
_chem_comp.name
_chem_comp.formula
EDO non-polymer 1,2-ETHANEDIOL 'C2 H6 O2'
UNX non-polymer 'UNKNOWN ATOM OR ION' ?
#
# COMPACT_ATOMS: atom_id res chain seq x y z
N GLY A 1 -13.51 -10.64 39.88
CA GLY A 1 -12.86 -11.93 40.09
C GLY A 1 -12.22 -12.49 38.85
N THR A 2 -12.98 -12.51 37.74
CA THR A 2 -12.54 -13.01 36.44
C THR A 2 -12.27 -11.76 35.53
N GLU A 3 -12.69 -10.57 36.00
CA GLU A 3 -12.53 -9.27 35.37
C GLU A 3 -11.08 -8.79 35.50
N ASN A 4 -10.49 -9.00 36.70
CA ASN A 4 -9.13 -8.58 37.04
C ASN A 4 -8.09 -9.49 36.35
N LEU A 5 -8.56 -10.65 35.89
CA LEU A 5 -7.83 -11.67 35.13
C LEU A 5 -7.78 -11.27 33.66
N TYR A 6 -8.89 -10.67 33.13
CA TYR A 6 -9.02 -10.16 31.76
C TYR A 6 -8.09 -8.94 31.55
N PHE A 7 -7.95 -8.09 32.59
CA PHE A 7 -7.09 -6.89 32.62
C PHE A 7 -5.61 -7.28 32.68
N GLN A 8 -5.28 -8.29 33.50
CA GLN A 8 -3.93 -8.85 33.72
C GLN A 8 -3.39 -9.47 32.42
N SER A 9 -4.28 -10.17 31.67
CA SER A 9 -4.01 -10.85 30.40
C SER A 9 -3.61 -9.87 29.28
N MET A 10 -4.30 -8.72 29.17
CA MET A 10 -4.03 -7.67 28.18
C MET A 10 -2.60 -7.17 28.28
N ASP A 11 -2.17 -6.81 29.52
CA ASP A 11 -0.83 -6.27 29.80
C ASP A 11 0.27 -7.27 29.43
N GLU A 12 0.03 -8.59 29.70
CA GLU A 12 0.94 -9.68 29.37
C GLU A 12 0.95 -9.89 27.84
N LEU A 13 -0.24 -9.94 27.20
CA LEU A 13 -0.30 -10.13 25.76
C LEU A 13 0.36 -8.96 25.03
N LEU A 14 0.11 -7.71 25.43
CA LEU A 14 0.75 -6.58 24.73
C LEU A 14 2.28 -6.64 24.87
N ARG A 15 2.81 -7.12 26.01
CA ARG A 15 4.25 -7.25 26.21
C ARG A 15 4.83 -8.29 25.21
N ARG A 16 4.30 -9.54 25.25
CA ARG A 16 4.75 -10.68 24.44
C ARG A 16 4.21 -10.70 22.99
N ALA A 17 3.23 -9.83 22.64
CA ALA A 17 2.65 -9.77 21.30
C ALA A 17 3.16 -8.55 20.50
N VAL A 18 3.48 -7.42 21.17
CA VAL A 18 4.03 -6.25 20.46
C VAL A 18 5.52 -6.53 20.19
N PRO A 19 5.93 -6.61 18.90
CA PRO A 19 7.36 -6.85 18.58
C PRO A 19 8.27 -5.76 19.16
N PRO A 20 9.47 -6.10 19.64
CA PRO A 20 10.35 -5.08 20.23
C PRO A 20 11.11 -4.25 19.18
N THR A 21 11.48 -3.02 19.56
CA THR A 21 12.27 -2.13 18.70
C THR A 21 13.79 -2.50 18.80
N PRO A 22 14.46 -2.93 17.71
CA PRO A 22 15.93 -3.21 17.81
C PRO A 22 16.78 -1.94 17.92
N ALA A 23 18.05 -2.03 18.38
CA ALA A 23 18.91 -0.84 18.47
C ALA A 23 19.14 -0.26 17.09
N TYR A 24 19.25 1.08 16.93
CA TYR A 24 19.43 1.73 15.61
C TYR A 24 20.58 1.09 14.85
N GLU A 25 21.64 0.69 15.57
CA GLU A 25 22.82 0.03 15.00
C GLU A 25 22.48 -1.35 14.40
N LEU A 26 21.49 -2.08 14.96
CA LEU A 26 21.07 -3.42 14.53
C LEU A 26 19.66 -3.44 13.89
N ARG A 27 19.20 -2.28 13.35
CA ARG A 27 17.89 -2.06 12.71
C ARG A 27 17.77 -2.82 11.37
N ALA A 28 18.89 -3.40 10.89
CA ALA A 28 19.02 -4.11 9.62
C ALA A 28 18.91 -5.64 9.76
N ALA A 29 19.28 -6.19 10.93
CA ALA A 29 19.28 -7.63 11.17
C ALA A 29 17.94 -8.13 11.73
N GLY A 36 4.65 -14.60 14.53
CA GLY A 36 4.05 -15.35 15.63
C GLY A 36 3.53 -14.49 16.75
N GLN A 37 4.24 -13.38 17.03
CA GLN A 37 3.91 -12.39 18.06
C GLN A 37 2.62 -11.63 17.68
N CYS A 38 2.56 -11.22 16.41
CA CYS A 38 1.51 -10.46 15.74
C CYS A 38 0.23 -11.31 15.56
N ALA A 39 0.38 -12.63 15.35
CA ALA A 39 -0.73 -13.56 15.16
C ALA A 39 -1.47 -13.79 16.48
N ASP A 40 -0.74 -13.71 17.61
CA ASP A 40 -1.29 -13.83 18.98
C ASP A 40 -2.19 -12.64 19.26
N PHE A 41 -1.75 -11.43 18.81
CA PHE A 41 -2.49 -10.17 18.97
C PHE A 41 -3.84 -10.27 18.27
N VAL A 42 -3.83 -10.61 16.96
CA VAL A 42 -4.99 -10.77 16.08
C VAL A 42 -6.01 -11.77 16.70
N SER A 43 -5.50 -12.88 17.28
CA SER A 43 -6.27 -13.93 17.95
C SER A 43 -6.99 -13.39 19.21
N PHE A 44 -6.24 -12.71 20.11
CA PHE A 44 -6.76 -12.10 21.35
C PHE A 44 -7.76 -10.98 21.03
N TYR A 45 -7.45 -10.13 20.01
CA TYR A 45 -8.30 -9.01 19.59
C TYR A 45 -9.63 -9.52 19.03
N GLY A 46 -9.57 -10.62 18.27
CA GLY A 46 -10.74 -11.25 17.68
C GLY A 46 -11.70 -11.77 18.74
N GLY A 47 -11.12 -12.38 19.78
CA GLY A 47 -11.83 -12.95 20.92
C GLY A 47 -12.41 -11.94 21.89
N LEU A 48 -12.32 -10.63 21.56
CA LEU A 48 -12.89 -9.54 22.36
C LEU A 48 -14.29 -9.28 21.86
N ALA A 49 -15.31 -9.48 22.74
CA ALA A 49 -16.72 -9.33 22.36
C ALA A 49 -17.15 -7.85 22.20
N GLU A 50 -17.33 -7.12 23.33
CA GLU A 50 -17.78 -5.73 23.39
C GLU A 50 -16.71 -4.73 22.90
N THR A 51 -17.15 -3.53 22.48
CA THR A 51 -16.30 -2.44 22.01
C THR A 51 -15.51 -1.80 23.19
N ALA A 52 -16.06 -1.88 24.44
CA ALA A 52 -15.43 -1.38 25.67
C ALA A 52 -14.16 -2.19 26.03
N GLN A 53 -14.15 -3.50 25.70
CA GLN A 53 -13.03 -4.43 25.87
C GLN A 53 -11.89 -4.04 24.93
N ARG A 54 -12.23 -3.85 23.64
CA ARG A 54 -11.34 -3.44 22.56
C ARG A 54 -10.76 -2.04 22.85
N ALA A 55 -11.57 -1.13 23.46
CA ALA A 55 -11.15 0.23 23.87
C ALA A 55 -10.06 0.17 24.94
N GLU A 56 -10.20 -0.78 25.88
CA GLU A 56 -9.22 -1.00 26.96
C GLU A 56 -7.86 -1.45 26.40
N LEU A 57 -7.89 -2.34 25.37
CA LEU A 57 -6.67 -2.87 24.76
C LEU A 57 -5.96 -1.80 23.91
N LEU A 58 -6.73 -1.02 23.11
CA LEU A 58 -6.20 0.04 22.26
C LEU A 58 -5.59 1.17 23.07
N GLY A 59 -6.24 1.53 24.18
CA GLY A 59 -5.78 2.57 25.09
C GLY A 59 -4.43 2.23 25.72
N ARG A 60 -4.22 0.93 26.06
CA ARG A 60 -2.98 0.41 26.66
C ARG A 60 -1.82 0.36 25.63
N LEU A 61 -2.15 -0.02 24.37
CA LEU A 61 -1.21 -0.11 23.26
C LEU A 61 -0.62 1.28 22.90
N ALA A 62 -1.49 2.31 22.78
CA ALA A 62 -1.13 3.70 22.44
C ALA A 62 -0.22 4.31 23.46
N ARG A 63 -0.59 4.16 24.73
CA ARG A 63 0.09 4.74 25.87
C ARG A 63 1.39 4.00 26.22
N GLY A 64 1.36 2.68 26.18
CA GLY A 64 2.50 1.88 26.57
C GLY A 64 3.54 1.60 25.52
N PHE A 65 3.16 1.60 24.24
CA PHE A 65 4.05 1.21 23.15
C PHE A 65 4.23 2.31 22.08
N GLY A 66 4.38 3.56 22.54
CA GLY A 66 4.64 4.69 21.65
C GLY A 66 6.13 4.91 21.45
N VAL A 67 6.55 6.18 21.56
CA VAL A 67 7.92 6.66 21.38
C VAL A 67 8.65 6.72 22.74
N ASP A 68 9.96 6.48 22.75
CA ASP A 68 10.80 6.64 23.94
C ASP A 68 11.19 8.13 23.95
N HIS A 69 10.42 8.94 24.70
CA HIS A 69 10.58 10.39 24.76
C HIS A 69 11.98 10.82 25.21
N GLY A 70 12.62 10.00 26.06
CA GLY A 70 13.97 10.24 26.56
C GLY A 70 15.04 10.19 25.47
N GLN A 71 15.04 9.11 24.66
CA GLN A 71 15.97 8.90 23.55
C GLN A 71 15.80 9.97 22.46
N VAL A 72 14.55 10.47 22.22
CA VAL A 72 14.24 11.51 21.22
C VAL A 72 14.99 12.80 21.57
N ALA A 73 14.97 13.20 22.86
CA ALA A 73 15.66 14.39 23.38
C ALA A 73 17.19 14.26 23.29
N GLU A 74 17.72 13.03 23.48
CA GLU A 74 19.14 12.70 23.38
C GLU A 74 19.60 12.84 21.94
N GLN A 75 18.75 12.38 21.01
CA GLN A 75 18.98 12.44 19.57
C GLN A 75 18.80 13.84 19.02
N SER A 76 17.80 14.60 19.54
CA SER A 76 17.52 16.00 19.19
C SER A 76 18.71 16.88 19.56
N ALA A 77 19.29 16.66 20.77
CA ALA A 77 20.47 17.35 21.27
C ALA A 77 21.72 16.95 20.50
N GLY A 78 21.81 15.66 20.13
CA GLY A 78 22.90 15.09 19.35
C GLY A 78 23.03 15.70 17.96
N VAL A 79 21.90 16.09 17.34
CA VAL A 79 21.81 16.75 16.04
C VAL A 79 22.28 18.21 16.22
N LEU A 80 21.78 18.89 17.29
CA LEU A 80 22.12 20.28 17.61
C LEU A 80 23.58 20.43 18.02
N HIS A 81 24.20 19.37 18.61
CA HIS A 81 25.60 19.38 18.99
C HIS A 81 26.49 19.33 17.74
N LEU A 82 26.03 18.65 16.66
CA LEU A 82 26.78 18.58 15.40
C LEU A 82 26.66 19.89 14.60
N ARG A 83 25.54 20.65 14.80
CA ARG A 83 25.27 21.94 14.12
C ARG A 83 26.35 23.00 14.47
N GLN A 84 27.18 22.74 15.53
CA GLN A 84 28.29 23.61 15.95
C GLN A 84 29.64 23.01 15.50
N ARG A 87 30.00 19.73 10.82
CA ARG A 87 31.04 18.73 11.06
C ARG A 87 31.40 17.97 9.77
N GLU A 88 30.37 17.41 9.09
CA GLU A 88 30.40 16.65 7.82
C GLU A 88 28.96 16.37 7.39
N ALA A 89 28.71 16.24 6.06
CA ALA A 89 27.36 15.99 5.54
C ALA A 89 26.82 14.63 5.99
N ALA A 90 27.66 13.57 5.93
CA ALA A 90 27.32 12.20 6.31
C ALA A 90 27.16 12.04 7.83
N VAL A 91 27.89 12.87 8.61
CA VAL A 91 27.87 12.88 10.08
C VAL A 91 26.51 13.38 10.56
N LEU A 92 26.01 14.47 9.93
CA LEU A 92 24.72 15.12 10.19
C LEU A 92 23.55 14.19 9.84
N LEU A 93 23.59 13.56 8.63
CA LEU A 93 22.54 12.65 8.11
C LEU A 93 22.36 11.39 8.97
N GLN A 94 23.44 10.85 9.54
CA GLN A 94 23.41 9.67 10.41
C GLN A 94 22.73 10.00 11.74
N ALA A 95 22.97 11.22 12.28
CA ALA A 95 22.38 11.69 13.54
C ALA A 95 20.90 12.02 13.35
N GLU A 96 20.52 12.50 12.14
CA GLU A 96 19.14 12.84 11.74
C GLU A 96 18.33 11.58 11.63
N ASP A 97 18.90 10.53 11.01
CA ASP A 97 18.30 9.21 10.85
C ASP A 97 18.12 8.54 12.23
N ARG A 98 19.07 8.76 13.20
CA ARG A 98 19.03 8.24 14.58
C ARG A 98 17.81 8.78 15.32
N LEU A 99 17.52 10.07 15.10
CA LEU A 99 16.36 10.79 15.62
C LEU A 99 15.09 10.35 14.89
N ARG A 100 15.17 10.11 13.57
CA ARG A 100 14.05 9.66 12.73
C ARG A 100 13.61 8.29 13.20
N TYR A 101 14.56 7.41 13.55
CA TYR A 101 14.33 6.05 14.04
C TYR A 101 13.72 6.09 15.44
N ALA A 102 14.21 7.02 16.29
CA ALA A 102 13.78 7.20 17.68
C ALA A 102 12.33 7.70 17.79
N LEU A 103 11.85 8.40 16.73
CA LEU A 103 10.52 8.97 16.63
C LEU A 103 9.49 7.99 16.09
N VAL A 104 9.91 6.75 15.75
CA VAL A 104 8.99 5.74 15.22
C VAL A 104 8.41 4.94 16.44
N PRO A 105 7.07 4.98 16.67
CA PRO A 105 6.49 4.30 17.85
C PRO A 105 6.54 2.79 17.72
N ARG A 106 6.67 2.10 18.86
CA ARG A 106 6.80 0.64 18.91
C ARG A 106 5.57 -0.08 18.33
N TYR A 107 4.34 0.52 18.41
CA TYR A 107 3.11 -0.10 17.86
C TYR A 107 3.13 -0.15 16.36
N ARG A 108 3.81 0.80 15.68
CA ARG A 108 3.90 0.83 14.21
C ARG A 108 4.49 -0.46 13.67
N GLY A 109 5.46 -1.03 14.39
CA GLY A 109 6.08 -2.31 14.04
C GLY A 109 5.11 -3.47 14.13
N LEU A 110 4.10 -3.36 15.02
CA LEU A 110 3.04 -4.37 15.18
C LEU A 110 2.11 -4.27 13.97
N PHE A 111 1.58 -3.05 13.68
CA PHE A 111 0.71 -2.78 12.52
C PHE A 111 1.41 -3.19 11.21
N HIS A 112 2.73 -3.00 11.13
CA HIS A 112 3.51 -3.37 9.96
C HIS A 112 3.61 -4.88 9.81
N HIS A 113 3.88 -5.60 10.90
CA HIS A 113 4.02 -7.05 10.86
C HIS A 113 2.69 -7.76 10.74
N ILE A 114 1.57 -7.13 11.20
CA ILE A 114 0.21 -7.67 11.06
C ILE A 114 -0.18 -7.63 9.59
N SER A 115 0.16 -6.56 8.85
CA SER A 115 -0.17 -6.44 7.42
C SER A 115 0.35 -7.62 6.61
N LYS A 116 1.58 -8.07 6.94
CA LYS A 116 2.33 -9.19 6.34
C LYS A 116 1.59 -10.56 6.54
N LEU A 117 0.52 -10.58 7.37
CA LEU A 117 -0.34 -11.72 7.68
C LEU A 117 -1.46 -11.83 6.65
N ASP A 118 -2.05 -13.04 6.53
CA ASP A 118 -3.16 -13.31 5.61
C ASP A 118 -4.43 -12.63 6.19
N GLY A 119 -4.92 -11.62 5.48
CA GLY A 119 -6.08 -10.81 5.87
C GLY A 119 -5.71 -9.74 6.87
N GLY A 120 -4.40 -9.45 6.94
CA GLY A 120 -3.79 -8.48 7.85
C GLY A 120 -4.26 -7.05 7.71
N VAL A 121 -4.25 -6.52 6.48
CA VAL A 121 -4.69 -5.16 6.19
C VAL A 121 -6.21 -5.01 6.49
N ARG A 122 -7.00 -6.08 6.22
CA ARG A 122 -8.43 -6.13 6.49
C ARG A 122 -8.67 -5.96 7.99
N PHE A 123 -7.85 -6.65 8.83
CA PHE A 123 -7.91 -6.59 10.30
C PHE A 123 -7.68 -5.18 10.79
N LEU A 124 -6.65 -4.52 10.24
CA LEU A 124 -6.20 -3.17 10.59
C LEU A 124 -7.23 -2.10 10.25
N VAL A 125 -8.03 -2.32 9.17
CA VAL A 125 -9.13 -1.42 8.77
C VAL A 125 -10.19 -1.53 9.87
N GLN A 126 -10.54 -2.78 10.24
CA GLN A 126 -11.50 -3.03 11.32
C GLN A 126 -11.02 -2.44 12.64
N LEU A 127 -9.73 -2.61 12.97
CA LEU A 127 -9.13 -2.05 14.18
C LEU A 127 -9.21 -0.49 14.19
N ARG A 128 -9.04 0.23 13.04
CA ARG A 128 -9.17 1.70 13.07
C ARG A 128 -10.65 2.11 13.09
N ALA A 129 -11.54 1.24 12.56
CA ALA A 129 -12.97 1.45 12.61
C ALA A 129 -13.44 1.44 14.06
N ASP A 130 -12.90 0.51 14.87
CA ASP A 130 -13.18 0.35 16.29
C ASP A 130 -12.57 1.49 17.08
N LEU A 131 -11.32 1.88 16.76
CA LEU A 131 -10.60 2.97 17.42
C LEU A 131 -11.35 4.29 17.27
N LEU A 132 -11.88 4.58 16.06
CA LEU A 132 -12.65 5.78 15.75
C LEU A 132 -13.98 5.77 16.48
N GLU A 133 -14.56 4.56 16.68
CA GLU A 133 -15.83 4.34 17.38
C GLU A 133 -15.65 4.54 18.88
N ALA A 134 -14.61 3.91 19.49
CA ALA A 134 -14.25 4.02 20.89
C ALA A 134 -13.95 5.49 21.27
N GLN A 135 -13.39 6.27 20.33
CA GLN A 135 -13.10 7.69 20.49
C GLN A 135 -14.41 8.48 20.49
N ALA A 136 -15.34 8.10 19.60
CA ALA A 136 -16.66 8.72 19.41
C ALA A 136 -17.57 8.48 20.61
N LEU A 137 -17.43 7.30 21.24
CA LEU A 137 -18.20 6.89 22.41
C LEU A 137 -17.46 7.27 23.71
N LYS A 138 -16.38 8.07 23.60
CA LYS A 138 -15.47 8.56 24.64
C LYS A 138 -14.97 7.43 25.60
N LEU A 139 -14.86 6.19 25.06
CA LEU A 139 -14.32 5.01 25.73
C LEU A 139 -12.79 5.14 25.81
N VAL A 140 -12.17 5.74 24.77
CA VAL A 140 -10.75 6.06 24.74
C VAL A 140 -10.60 7.57 24.56
N GLU A 141 -9.63 8.15 25.27
CA GLU A 141 -9.31 9.58 25.24
C GLU A 141 -7.79 9.75 25.39
N GLY A 142 -7.30 10.96 25.13
CA GLY A 142 -5.88 11.27 25.29
C GLY A 142 -5.14 11.53 24.00
N PRO A 143 -3.96 12.18 24.09
CA PRO A 143 -3.19 12.47 22.86
C PRO A 143 -2.46 11.25 22.31
N ASP A 144 -2.26 10.21 23.15
CA ASP A 144 -1.61 8.96 22.79
C ASP A 144 -2.46 8.14 21.81
N VAL A 145 -3.80 8.07 22.04
CA VAL A 145 -4.72 7.34 21.16
C VAL A 145 -4.91 8.13 19.86
N ARG A 146 -4.83 9.48 19.94
CA ARG A 146 -4.95 10.37 18.79
C ARG A 146 -3.75 10.16 17.84
N GLU A 147 -2.52 10.05 18.40
CA GLU A 147 -1.25 9.78 17.68
C GLU A 147 -1.32 8.46 16.97
N MET A 148 -1.78 7.39 17.68
CA MET A 148 -1.94 6.02 17.18
C MET A 148 -2.99 5.97 16.07
N ASN A 149 -3.95 6.91 16.10
CA ASN A 149 -4.96 7.03 15.04
C ASN A 149 -4.28 7.49 13.77
N GLY A 150 -3.52 8.59 13.86
CA GLY A 150 -2.78 9.18 12.75
C GLY A 150 -1.75 8.27 12.12
N VAL A 151 -1.08 7.41 12.92
CA VAL A 151 -0.08 6.41 12.49
C VAL A 151 -0.77 5.38 11.61
N LEU A 152 -1.97 4.93 12.03
CA LEU A 152 -2.81 3.95 11.33
C LEU A 152 -3.44 4.56 10.05
N LYS A 153 -4.03 5.76 10.17
CA LYS A 153 -4.59 6.56 9.06
C LYS A 153 -3.52 6.78 7.96
N GLY A 154 -2.26 6.92 8.39
CA GLY A 154 -1.11 7.12 7.51
C GLY A 154 -0.77 5.90 6.69
N MET A 155 -0.70 4.74 7.35
CA MET A 155 -0.42 3.43 6.76
C MET A 155 -1.53 3.01 5.81
N LEU A 156 -2.78 3.13 6.26
CA LEU A 156 -3.96 2.84 5.46
C LEU A 156 -4.04 3.76 4.20
N SER A 157 -3.68 5.06 4.30
CA SER A 157 -3.63 6.04 3.20
C SER A 157 -2.63 5.65 2.11
N GLU A 158 -1.68 4.75 2.42
CA GLU A 158 -0.68 4.28 1.46
C GLU A 158 -1.18 3.03 0.74
N TRP A 159 -1.86 2.12 1.49
CA TRP A 159 -2.39 0.87 0.95
C TRP A 159 -3.64 1.11 0.10
N PHE A 160 -4.44 2.15 0.42
CA PHE A 160 -5.67 2.47 -0.31
C PHE A 160 -5.52 3.78 -1.08
N SER A 161 -4.39 3.98 -1.77
CA SER A 161 -4.21 5.19 -2.56
C SER A 161 -4.97 5.00 -3.88
N SER A 162 -5.43 6.11 -4.50
CA SER A 162 -6.18 6.20 -5.75
C SER A 162 -5.77 5.12 -6.77
N GLY A 163 -4.47 4.92 -6.97
CA GLY A 163 -3.93 3.93 -7.88
C GLY A 163 -4.06 2.46 -7.48
N PHE A 164 -4.71 2.16 -6.35
CA PHE A 164 -4.90 0.76 -5.97
C PHE A 164 -6.37 0.43 -5.90
N LEU A 165 -7.22 1.40 -6.29
CA LEU A 165 -8.67 1.32 -6.30
C LEU A 165 -9.21 1.20 -7.72
N ASN A 166 -10.22 0.33 -7.93
CA ASN A 166 -10.88 0.15 -9.23
C ASN A 166 -12.26 0.81 -9.19
N LEU A 167 -12.66 1.48 -10.29
CA LEU A 167 -13.98 2.08 -10.38
C LEU A 167 -14.94 1.05 -10.98
N GLU A 168 -15.91 0.62 -10.16
CA GLU A 168 -16.92 -0.34 -10.55
C GLU A 168 -18.27 0.34 -10.64
N ARG A 169 -19.09 -0.07 -11.63
CA ARG A 169 -20.45 0.42 -11.83
C ARG A 169 -21.48 -0.63 -11.37
N VAL A 170 -22.52 -0.17 -10.67
CA VAL A 170 -23.59 -1.03 -10.17
C VAL A 170 -24.83 -0.90 -11.05
N THR A 171 -25.21 -2.03 -11.66
CA THR A 171 -26.38 -2.26 -12.52
C THR A 171 -27.18 -3.42 -11.88
N TRP A 172 -28.35 -3.78 -12.44
CA TRP A 172 -29.14 -4.89 -11.90
C TRP A 172 -28.53 -6.28 -12.27
N HIS A 173 -27.34 -6.27 -12.90
CA HIS A 173 -26.53 -7.42 -13.31
C HIS A 173 -25.47 -7.70 -12.25
N SER A 174 -25.29 -6.78 -11.32
CA SER A 174 -24.33 -6.91 -10.23
C SER A 174 -24.83 -7.97 -9.22
N PRO A 175 -23.94 -8.66 -8.44
CA PRO A 175 -24.44 -9.65 -7.46
C PRO A 175 -25.38 -9.00 -6.43
N CYS A 176 -26.37 -9.74 -5.84
CA CYS A 176 -27.26 -9.09 -4.87
CA CYS A 176 -27.27 -9.14 -4.84
C CYS A 176 -26.52 -8.83 -3.56
N GLU A 177 -25.36 -9.52 -3.31
CA GLU A 177 -24.54 -9.29 -2.12
C GLU A 177 -23.94 -7.88 -2.17
N VAL A 178 -23.56 -7.40 -3.37
CA VAL A 178 -23.01 -6.07 -3.63
C VAL A 178 -24.16 -5.06 -3.47
N LEU A 179 -25.34 -5.31 -4.08
CA LEU A 179 -26.48 -4.40 -3.94
C LEU A 179 -26.95 -4.29 -2.48
N GLN A 180 -26.90 -5.39 -1.70
CA GLN A 180 -27.22 -5.39 -0.27
C GLN A 180 -26.22 -4.50 0.47
N LYS A 181 -24.90 -4.74 0.25
CA LYS A 181 -23.79 -3.97 0.81
C LYS A 181 -24.00 -2.45 0.56
N ILE A 182 -24.35 -2.07 -0.68
CA ILE A 182 -24.59 -0.70 -1.15
C ILE A 182 -25.89 -0.13 -0.53
N SER A 183 -26.95 -0.95 -0.40
CA SER A 183 -28.23 -0.55 0.21
C SER A 183 -28.06 -0.30 1.71
N GLU A 184 -27.37 -1.22 2.42
CA GLU A 184 -27.17 -1.18 3.86
C GLU A 184 -26.33 0.00 4.30
N ALA A 185 -25.20 0.24 3.62
CA ALA A 185 -24.29 1.35 3.88
C ALA A 185 -24.76 2.58 3.11
N GLU A 186 -26.00 3.02 3.38
CA GLU A 186 -26.65 4.15 2.72
C GLU A 186 -27.43 4.93 3.78
N ALA A 187 -26.71 5.80 4.50
CA ALA A 187 -27.27 6.61 5.59
C ALA A 187 -27.81 7.97 5.11
N VAL A 188 -27.29 8.51 3.94
CA VAL A 188 -27.75 9.79 3.36
C VAL A 188 -29.31 9.77 3.18
N HIS A 189 -29.83 8.96 2.22
CA HIS A 189 -31.25 8.81 1.96
C HIS A 189 -31.56 7.32 1.91
N PRO A 190 -31.86 6.68 3.07
CA PRO A 190 -32.07 5.22 3.09
C PRO A 190 -33.05 4.68 2.03
N VAL A 191 -32.72 3.47 1.53
CA VAL A 191 -33.47 2.71 0.52
C VAL A 191 -34.71 2.11 1.20
N LYS A 192 -35.90 2.26 0.58
CA LYS A 192 -37.19 1.79 1.09
C LYS A 192 -37.42 0.27 0.85
N ASN A 193 -37.25 -0.21 -0.40
CA ASN A 193 -37.46 -1.62 -0.81
C ASN A 193 -36.51 -2.01 -1.97
N TRP A 194 -36.55 -3.28 -2.42
CA TRP A 194 -35.68 -3.75 -3.51
C TRP A 194 -36.04 -3.09 -4.86
N MET A 195 -37.30 -2.65 -5.02
CA MET A 195 -37.79 -1.97 -6.21
C MET A 195 -37.19 -0.56 -6.29
N ASP A 196 -36.93 0.10 -5.12
CA ASP A 196 -36.29 1.42 -5.00
C ASP A 196 -34.82 1.30 -5.42
N MET A 197 -34.12 0.25 -4.92
CA MET A 197 -32.73 -0.06 -5.23
C MET A 197 -32.58 -0.31 -6.73
N LYS A 198 -33.54 -1.04 -7.37
CA LYS A 198 -33.54 -1.33 -8.81
C LYS A 198 -33.65 -0.02 -9.63
N ARG A 199 -34.41 0.99 -9.13
CA ARG A 199 -34.58 2.30 -9.76
C ARG A 199 -33.29 3.13 -9.72
N ARG A 200 -32.59 3.12 -8.55
CA ARG A 200 -31.35 3.87 -8.27
C ARG A 200 -30.13 3.39 -9.10
N VAL A 201 -30.24 2.17 -9.69
CA VAL A 201 -29.24 1.54 -10.57
C VAL A 201 -29.83 1.44 -12.01
N GLY A 202 -31.07 1.89 -12.14
CA GLY A 202 -31.81 1.88 -13.40
C GLY A 202 -31.53 3.03 -14.34
N PRO A 203 -32.36 3.17 -15.40
CA PRO A 203 -32.16 4.27 -16.37
C PRO A 203 -32.23 5.66 -15.76
N TYR A 204 -31.35 6.56 -16.26
CA TYR A 204 -31.14 7.97 -15.87
C TYR A 204 -30.40 8.09 -14.53
N ARG A 205 -29.97 6.95 -13.97
CA ARG A 205 -29.20 6.89 -12.73
C ARG A 205 -27.91 6.18 -12.99
N ARG A 206 -26.83 6.64 -12.35
CA ARG A 206 -25.51 6.02 -12.40
C ARG A 206 -25.00 5.78 -10.97
N CYS A 207 -24.77 4.51 -10.62
CA CYS A 207 -24.23 4.15 -9.30
C CYS A 207 -22.84 3.59 -9.48
N TYR A 208 -21.86 4.22 -8.81
CA TYR A 208 -20.45 3.83 -8.86
C TYR A 208 -19.89 3.58 -7.47
N PHE A 209 -18.91 2.66 -7.39
CA PHE A 209 -18.16 2.42 -6.17
C PHE A 209 -16.69 2.18 -6.48
N PHE A 210 -15.86 2.22 -5.45
CA PHE A 210 -14.44 1.94 -5.49
C PHE A 210 -14.16 0.66 -4.73
N SER A 211 -13.46 -0.29 -5.36
CA SER A 211 -13.02 -1.50 -4.69
C SER A 211 -11.49 -1.50 -4.70
N HIS A 212 -10.85 -2.20 -3.76
CA HIS A 212 -9.38 -2.26 -3.80
C HIS A 212 -9.01 -3.29 -4.87
N CYS A 213 -7.88 -3.12 -5.60
CA CYS A 213 -7.44 -4.06 -6.65
CA CYS A 213 -7.49 -4.07 -6.65
C CYS A 213 -7.39 -5.50 -6.08
N SER A 214 -7.09 -5.63 -4.76
CA SER A 214 -6.96 -6.89 -4.03
C SER A 214 -8.32 -7.57 -3.82
N THR A 215 -9.37 -6.79 -3.55
CA THR A 215 -10.73 -7.28 -3.26
C THR A 215 -11.74 -6.70 -4.27
N PRO A 216 -11.87 -7.30 -5.48
CA PRO A 216 -12.89 -6.81 -6.44
C PRO A 216 -14.32 -7.14 -5.97
N GLY A 217 -15.27 -6.26 -6.26
CA GLY A 217 -16.67 -6.42 -5.89
C GLY A 217 -16.99 -6.16 -4.42
N GLU A 218 -16.09 -5.44 -3.72
CA GLU A 218 -16.27 -5.07 -2.32
C GLU A 218 -16.24 -3.56 -2.21
N PRO A 219 -17.43 -2.91 -2.04
CA PRO A 219 -17.47 -1.44 -1.95
C PRO A 219 -16.73 -0.88 -0.72
N LEU A 220 -15.95 0.19 -0.95
CA LEU A 220 -15.20 0.94 0.06
C LEU A 220 -15.83 2.32 0.27
N VAL A 221 -16.42 2.89 -0.80
CA VAL A 221 -17.08 4.20 -0.89
C VAL A 221 -18.03 4.13 -2.11
N VAL A 222 -19.26 4.68 -1.98
CA VAL A 222 -20.36 4.64 -2.99
C VAL A 222 -20.81 6.06 -3.36
N LEU A 223 -21.08 6.29 -4.65
CA LEU A 223 -21.58 7.56 -5.16
C LEU A 223 -22.74 7.30 -6.11
N HIS A 224 -23.88 7.98 -5.86
CA HIS A 224 -25.10 7.94 -6.63
C HIS A 224 -25.23 9.23 -7.44
N VAL A 225 -25.39 9.07 -8.75
CA VAL A 225 -25.51 10.15 -9.74
C VAL A 225 -26.89 10.04 -10.43
N ALA A 226 -27.55 11.21 -10.63
CA ALA A 226 -28.83 11.35 -11.34
C ALA A 226 -28.59 12.20 -12.58
N LEU A 227 -28.97 11.66 -13.75
CA LEU A 227 -28.84 12.34 -15.05
C LEU A 227 -30.14 13.07 -15.35
N THR A 228 -30.12 14.40 -15.16
CA THR A 228 -31.25 15.32 -15.24
C THR A 228 -31.02 16.45 -16.26
N GLY A 229 -32.04 17.29 -16.45
CA GLY A 229 -32.03 18.45 -17.36
C GLY A 229 -31.81 19.79 -16.67
N ASP A 230 -31.78 19.80 -15.32
CA ASP A 230 -31.56 20.99 -14.48
C ASP A 230 -30.80 20.63 -13.16
N ILE A 231 -30.25 21.64 -12.44
CA ILE A 231 -29.63 21.41 -11.13
C ILE A 231 -30.77 21.22 -10.13
N SER A 232 -30.97 19.95 -9.72
CA SER A 232 -32.01 19.48 -8.81
C SER A 232 -32.01 20.27 -7.52
N SER A 233 -33.22 20.63 -7.06
CA SER A 233 -33.53 21.40 -5.86
C SER A 233 -34.33 20.58 -4.84
N ASN A 234 -34.75 19.32 -5.21
CA ASN A 234 -35.53 18.41 -4.36
C ASN A 234 -35.06 16.95 -4.47
N ILE A 235 -34.89 16.27 -3.32
CA ILE A 235 -34.42 14.87 -3.28
C ILE A 235 -35.53 13.88 -3.60
N GLN A 236 -36.77 14.18 -3.14
CA GLN A 236 -37.93 13.37 -3.39
C GLN A 236 -38.09 13.23 -4.89
N ALA A 237 -37.90 14.35 -5.63
CA ALA A 237 -37.96 14.41 -7.10
C ALA A 237 -36.99 13.42 -7.78
N ILE A 238 -35.87 13.07 -7.09
CA ILE A 238 -34.87 12.14 -7.62
C ILE A 238 -35.20 10.68 -7.19
N VAL A 239 -35.20 10.39 -5.86
CA VAL A 239 -35.43 9.04 -5.29
C VAL A 239 -36.81 8.47 -5.66
N LYS A 240 -37.86 9.32 -5.68
CA LYS A 240 -39.23 8.92 -6.03
C LYS A 240 -39.55 9.41 -7.44
N GLU A 241 -38.97 8.73 -8.44
CA GLU A 241 -39.11 9.03 -9.87
C GLU A 241 -38.96 7.75 -10.66
N HIS A 242 -39.81 7.59 -11.70
CA HIS A 242 -39.81 6.44 -12.60
C HIS A 242 -39.35 6.87 -14.01
N PRO A 243 -38.01 6.91 -14.29
CA PRO A 243 -37.54 7.34 -15.62
C PRO A 243 -37.68 6.22 -16.69
N PRO A 244 -37.92 6.58 -17.98
CA PRO A 244 -38.04 5.53 -19.02
C PRO A 244 -36.69 5.06 -19.58
N SER A 245 -36.69 3.96 -20.37
CA SER A 245 -35.49 3.37 -20.99
C SER A 245 -34.84 4.30 -22.01
N LYS A 252 -32.77 13.96 -23.32
CA LYS A 252 -31.38 14.39 -23.28
C LYS A 252 -31.00 14.96 -21.88
N ILE A 253 -29.80 14.55 -21.37
CA ILE A 253 -29.26 14.94 -20.06
C ILE A 253 -28.40 16.21 -20.19
N THR A 254 -28.66 17.20 -19.30
CA THR A 254 -27.98 18.50 -19.23
C THR A 254 -27.03 18.58 -18.00
N ALA A 255 -27.45 18.02 -16.86
CA ALA A 255 -26.71 18.05 -15.61
C ALA A 255 -26.53 16.66 -14.97
N ALA A 256 -25.42 16.46 -14.22
CA ALA A 256 -25.14 15.25 -13.44
C ALA A 256 -25.15 15.64 -11.98
N ILE A 257 -26.16 15.15 -11.24
CA ILE A 257 -26.35 15.50 -9.83
C ILE A 257 -25.92 14.34 -8.90
N PHE A 258 -24.96 14.63 -8.02
CA PHE A 258 -24.47 13.68 -7.01
C PHE A 258 -25.42 13.80 -5.80
N TYR A 259 -26.35 12.85 -5.65
CA TYR A 259 -27.36 12.98 -4.59
C TYR A 259 -27.03 12.20 -3.33
N SER A 260 -26.07 11.24 -3.42
CA SER A 260 -25.62 10.44 -2.27
C SER A 260 -24.17 9.97 -2.45
N ILE A 261 -23.37 10.14 -1.38
CA ILE A 261 -21.97 9.70 -1.28
C ILE A 261 -21.84 9.02 0.07
N SER A 262 -21.43 7.76 0.06
CA SER A 262 -21.37 6.97 1.29
C SER A 262 -20.05 6.25 1.43
N LEU A 263 -19.52 6.20 2.66
CA LEU A 263 -18.31 5.48 3.02
C LEU A 263 -18.78 4.19 3.67
N THR A 264 -18.43 3.08 3.02
CA THR A 264 -18.78 1.74 3.44
C THR A 264 -17.87 1.33 4.62
N GLN A 265 -16.51 1.39 4.46
CA GLN A 265 -15.54 1.05 5.53
C GLN A 265 -15.25 2.28 6.37
N GLN A 266 -15.74 2.29 7.61
CA GLN A 266 -15.53 3.42 8.52
C GLN A 266 -14.04 3.55 8.93
N GLY A 267 -13.29 2.45 8.82
CA GLY A 267 -11.87 2.42 9.11
C GLY A 267 -11.04 3.27 8.18
N LEU A 268 -11.57 3.59 6.98
CA LEU A 268 -10.90 4.36 5.93
C LEU A 268 -11.38 5.81 5.87
N GLN A 269 -11.90 6.30 7.00
CA GLN A 269 -12.41 7.66 7.19
C GLN A 269 -11.26 8.68 7.25
N GLY A 270 -10.94 9.26 6.11
CA GLY A 270 -9.89 10.28 6.00
C GLY A 270 -8.81 9.97 5.00
N VAL A 271 -8.93 8.87 4.24
CA VAL A 271 -8.00 8.40 3.22
C VAL A 271 -8.30 9.06 1.83
N GLU A 272 -9.20 10.09 1.82
CA GLU A 272 -9.65 10.90 0.68
C GLU A 272 -10.37 10.08 -0.39
N LEU A 273 -11.05 8.99 0.02
CA LEU A 273 -11.71 8.05 -0.88
C LEU A 273 -12.86 8.66 -1.69
N GLY A 274 -13.60 9.57 -1.05
CA GLY A 274 -14.69 10.31 -1.65
C GLY A 274 -14.25 11.41 -2.60
N THR A 275 -13.09 12.02 -2.32
CA THR A 275 -12.48 13.09 -3.11
C THR A 275 -12.05 12.52 -4.48
N PHE A 276 -11.41 11.33 -4.47
CA PHE A 276 -10.96 10.66 -5.68
C PHE A 276 -12.09 9.98 -6.39
N LEU A 277 -13.18 9.59 -5.65
CA LEU A 277 -14.34 8.94 -6.26
C LEU A 277 -15.03 9.90 -7.25
N ILE A 278 -15.39 11.12 -6.80
CA ILE A 278 -15.99 12.18 -7.63
C ILE A 278 -15.08 12.48 -8.82
N LYS A 279 -13.77 12.70 -8.59
CA LYS A 279 -12.79 13.01 -9.63
C LYS A 279 -12.85 11.98 -10.76
N ARG A 280 -12.91 10.67 -10.38
CA ARG A 280 -12.96 9.52 -11.29
C ARG A 280 -14.27 9.41 -12.04
N VAL A 281 -15.40 9.54 -11.32
CA VAL A 281 -16.77 9.41 -11.86
C VAL A 281 -17.04 10.49 -12.91
N VAL A 282 -16.57 11.74 -12.68
CA VAL A 282 -16.74 12.85 -13.62
C VAL A 282 -16.02 12.48 -14.94
N LYS A 283 -14.75 12.00 -14.87
CA LYS A 283 -13.97 11.56 -16.03
C LYS A 283 -14.71 10.46 -16.81
N GLU A 284 -15.34 9.52 -16.07
CA GLU A 284 -16.17 8.43 -16.59
C GLU A 284 -17.44 8.99 -17.26
N LEU A 285 -18.11 9.97 -16.62
CA LEU A 285 -19.34 10.58 -17.17
C LEU A 285 -19.02 11.48 -18.38
N GLN A 286 -17.80 12.00 -18.47
CA GLN A 286 -17.33 12.85 -19.58
C GLN A 286 -16.97 12.01 -20.79
N ARG A 287 -16.57 10.75 -20.54
CA ARG A 287 -16.26 9.73 -21.55
C ARG A 287 -17.57 9.27 -22.21
N GLU A 288 -18.62 9.07 -21.38
CA GLU A 288 -19.94 8.63 -21.77
C GLU A 288 -20.80 9.73 -22.41
N PHE A 289 -20.66 11.00 -21.94
CA PHE A 289 -21.45 12.13 -22.45
C PHE A 289 -20.52 13.32 -22.73
N PRO A 290 -19.72 13.26 -23.84
CA PRO A 290 -18.77 14.35 -24.13
C PRO A 290 -19.37 15.76 -24.29
N HIS A 291 -20.71 15.88 -24.26
CA HIS A 291 -21.40 17.18 -24.35
C HIS A 291 -22.10 17.53 -23.02
N LEU A 292 -21.55 17.02 -21.88
CA LEU A 292 -22.06 17.27 -20.52
C LEU A 292 -21.08 18.17 -19.76
N GLY A 293 -21.55 19.37 -19.40
CA GLY A 293 -20.74 20.37 -18.72
C GLY A 293 -21.29 20.92 -17.43
N VAL A 294 -22.40 20.34 -16.94
CA VAL A 294 -23.03 20.76 -15.68
C VAL A 294 -22.89 19.63 -14.66
N PHE A 295 -22.20 19.92 -13.56
CA PHE A 295 -21.99 18.97 -12.47
C PHE A 295 -22.22 19.70 -11.16
N SER A 296 -23.09 19.13 -10.32
CA SER A 296 -23.42 19.68 -9.01
C SER A 296 -23.88 18.60 -8.06
N SER A 297 -23.93 18.90 -6.79
CA SER A 297 -24.45 17.97 -5.80
C SER A 297 -25.77 18.52 -5.29
N LEU A 298 -26.54 17.70 -4.57
CA LEU A 298 -27.76 18.08 -3.85
C LEU A 298 -27.51 17.38 -2.53
N SER A 299 -26.88 18.13 -1.60
CA SER A 299 -26.35 17.61 -0.35
C SER A 299 -27.13 18.01 0.90
N PRO A 300 -27.17 17.11 1.91
CA PRO A 300 -27.88 17.44 3.14
C PRO A 300 -27.06 18.38 4.02
N ILE A 301 -27.72 19.11 4.93
CA ILE A 301 -27.04 20.03 5.84
C ILE A 301 -27.13 19.48 7.29
N PRO A 302 -26.38 18.39 7.58
CA PRO A 302 -26.57 17.73 8.87
C PRO A 302 -25.90 18.48 10.01
N GLY A 303 -26.64 18.63 11.10
CA GLY A 303 -26.20 19.29 12.31
C GLY A 303 -26.66 20.73 12.36
N PHE A 304 -27.41 21.17 11.31
CA PHE A 304 -27.94 22.52 11.23
C PHE A 304 -29.00 22.72 12.33
N THR A 305 -30.05 21.86 12.36
CA THR A 305 -31.15 21.90 13.34
C THR A 305 -30.55 21.86 14.78
N LYS A 306 -29.54 20.98 15.00
CA LYS A 306 -28.81 20.85 16.26
C LYS A 306 -28.11 22.18 16.63
N TRP A 307 -27.44 22.85 15.64
CA TRP A 307 -26.75 24.14 15.82
C TRP A 307 -27.78 25.24 16.12
N LEU A 308 -28.91 25.25 15.39
CA LEU A 308 -30.01 26.21 15.52
C LEU A 308 -30.66 26.09 16.91
N LEU A 309 -30.93 24.84 17.37
CA LEU A 309 -31.52 24.58 18.69
C LEU A 309 -30.51 24.91 19.81
N GLY A 310 -29.22 24.72 19.51
CA GLY A 310 -28.10 25.01 20.40
C GLY A 310 -27.92 26.49 20.64
N LEU A 311 -28.33 27.32 19.64
CA LEU A 311 -28.31 28.78 19.72
C LEU A 311 -29.43 29.28 20.62
N LEU A 312 -30.62 28.63 20.50
CA LEU A 312 -31.85 28.93 21.24
C LEU A 312 -31.74 28.62 22.77
N ASN A 313 -30.55 28.84 23.37
CA ASN A 313 -30.28 28.63 24.80
C ASN A 313 -29.40 29.77 25.35
N ASN A 342 -42.90 34.45 23.40
CA ASN A 342 -41.67 33.76 23.76
C ASN A 342 -41.12 32.93 22.58
N GLU A 343 -39.82 33.11 22.22
CA GLU A 343 -39.12 32.38 21.14
C GLU A 343 -38.65 30.98 21.64
N THR A 344 -39.35 30.49 22.69
CA THR A 344 -39.23 29.19 23.36
C THR A 344 -40.10 28.18 22.61
N LEU A 345 -41.15 28.70 21.93
CA LEU A 345 -42.08 27.96 21.08
C LEU A 345 -41.32 27.35 19.90
N LYS A 346 -40.30 28.11 19.40
CA LYS A 346 -39.40 27.76 18.30
C LYS A 346 -38.57 26.51 18.60
N LEU A 347 -37.87 26.48 19.77
CA LEU A 347 -37.06 25.34 20.22
C LEU A 347 -37.92 24.07 20.35
N LEU A 348 -39.10 24.21 20.99
CA LEU A 348 -40.04 23.11 21.20
C LEU A 348 -40.50 22.52 19.85
N LEU A 349 -41.14 23.37 19.01
CA LEU A 349 -41.72 23.02 17.70
C LEU A 349 -40.71 22.33 16.75
N SER A 350 -39.44 22.82 16.66
CA SER A 350 -38.41 22.26 15.79
C SER A 350 -38.00 20.84 16.24
N SER A 351 -38.87 19.86 15.88
CA SER A 351 -38.80 18.41 16.10
C SER A 351 -39.95 17.71 15.30
N SER A 352 -39.77 17.66 13.95
CA SER A 352 -40.58 17.01 12.88
C SER A 352 -42.02 17.56 12.68
N GLU A 353 -42.85 17.57 13.74
CA GLU A 353 -44.28 17.93 13.73
C GLU A 353 -44.62 19.37 13.24
N TRP A 354 -43.67 20.32 13.33
CA TRP A 354 -43.87 21.74 12.96
C TRP A 354 -44.19 21.97 11.46
N VAL A 355 -43.70 21.08 10.56
CA VAL A 355 -43.87 21.14 9.10
C VAL A 355 -45.35 21.04 8.67
N GLN A 356 -46.22 20.48 9.55
CA GLN A 356 -47.67 20.28 9.35
C GLN A 356 -48.46 21.60 9.12
N SER A 357 -48.02 22.72 9.76
CA SER A 357 -48.67 24.04 9.59
C SER A 357 -48.04 24.81 8.44
N GLU A 358 -48.87 25.16 7.43
CA GLU A 358 -48.50 25.90 6.22
C GLU A 358 -48.14 27.37 6.55
N LYS A 359 -48.78 27.93 7.60
CA LYS A 359 -48.57 29.31 8.06
C LYS A 359 -47.19 29.45 8.72
N LEU A 360 -46.75 28.45 9.52
CA LEU A 360 -45.47 28.44 10.22
C LEU A 360 -44.29 28.26 9.24
N VAL A 361 -44.40 27.32 8.26
CA VAL A 361 -43.37 27.04 7.24
C VAL A 361 -43.15 28.30 6.38
N ARG A 362 -44.22 28.88 5.80
CA ARG A 362 -44.19 30.09 4.96
C ARG A 362 -43.46 31.26 5.67
N ALA A 363 -43.71 31.42 6.99
CA ALA A 363 -43.12 32.46 7.83
C ALA A 363 -41.63 32.23 8.09
N LEU A 364 -41.23 30.96 8.25
CA LEU A 364 -39.86 30.56 8.56
C LEU A 364 -38.97 30.38 7.32
N GLN A 365 -39.44 30.77 6.11
CA GLN A 365 -38.62 30.60 4.91
C GLN A 365 -37.40 31.51 4.95
N THR A 366 -37.59 32.83 4.81
CA THR A 366 -36.54 33.85 4.79
C THR A 366 -35.63 33.78 6.07
N PRO A 367 -36.14 33.57 7.34
CA PRO A 367 -35.22 33.53 8.50
C PRO A 367 -34.30 32.31 8.53
N LEU A 368 -34.86 31.09 8.35
CA LEU A 368 -34.09 29.84 8.39
C LEU A 368 -33.07 29.74 7.26
N MET A 369 -33.38 30.34 6.09
CA MET A 369 -32.48 30.35 4.94
C MET A 369 -31.26 31.26 5.19
N ARG A 370 -31.43 32.42 5.90
CA ARG A 370 -30.33 33.34 6.21
C ARG A 370 -29.47 32.76 7.35
N LEU A 371 -30.07 32.00 8.29
CA LEU A 371 -29.38 31.34 9.39
C LEU A 371 -28.58 30.14 8.89
N CYS A 372 -29.10 29.49 7.82
CA CYS A 372 -28.46 28.36 7.13
C CYS A 372 -27.25 28.87 6.37
N ALA A 373 -27.42 29.97 5.58
CA ALA A 373 -26.37 30.63 4.81
C ALA A 373 -25.18 30.98 5.72
N TRP A 374 -25.46 31.49 6.95
CA TRP A 374 -24.43 31.79 7.94
C TRP A 374 -23.80 30.49 8.50
N TYR A 375 -24.62 29.44 8.77
CA TYR A 375 -24.14 28.16 9.31
C TYR A 375 -23.12 27.53 8.33
N LEU A 376 -23.35 27.71 7.03
CA LEU A 376 -22.50 27.16 5.99
C LEU A 376 -21.28 28.07 5.70
N TYR A 377 -21.50 29.38 5.41
CA TYR A 377 -20.45 30.35 5.05
C TYR A 377 -19.71 30.98 6.25
N GLY A 378 -20.42 31.38 7.28
CA GLY A 378 -19.81 32.08 8.40
C GLY A 378 -19.36 31.25 9.58
N GLU A 379 -20.07 30.16 9.87
CA GLU A 379 -19.71 29.33 11.02
C GLU A 379 -18.49 28.50 10.68
N LYS A 380 -17.45 28.65 11.50
CA LYS A 380 -16.16 28.01 11.30
C LYS A 380 -15.80 27.05 12.44
N HIS A 381 -14.89 26.13 12.13
CA HIS A 381 -14.29 25.16 13.02
C HIS A 381 -12.83 25.00 12.58
N ARG A 382 -11.90 25.49 13.43
CA ARG A 382 -10.45 25.51 13.20
C ARG A 382 -10.15 26.32 11.90
N GLY A 383 -10.95 27.38 11.68
CA GLY A 383 -10.87 28.27 10.52
C GLY A 383 -11.58 27.78 9.27
N TYR A 384 -11.90 26.47 9.21
CA TYR A 384 -12.57 25.80 8.09
C TYR A 384 -14.07 25.74 8.34
N ALA A 385 -14.86 25.37 7.31
CA ALA A 385 -16.32 25.28 7.40
C ALA A 385 -16.77 24.33 8.53
N LEU A 386 -17.72 24.81 9.39
CA LEU A 386 -18.26 24.07 10.53
C LEU A 386 -18.92 22.76 10.07
N ASN A 387 -19.74 22.82 8.99
CA ASN A 387 -20.43 21.65 8.44
C ASN A 387 -19.44 20.65 7.81
N PRO A 388 -19.53 19.35 8.16
CA PRO A 388 -18.59 18.37 7.59
C PRO A 388 -18.80 18.13 6.09
N VAL A 389 -20.07 18.10 5.63
CA VAL A 389 -20.47 17.90 4.22
C VAL A 389 -20.00 19.09 3.36
N ALA A 390 -20.14 20.32 3.87
CA ALA A 390 -19.72 21.53 3.17
C ALA A 390 -18.20 21.55 3.06
N ASN A 391 -17.49 21.18 4.14
CA ASN A 391 -16.02 21.11 4.17
C ASN A 391 -15.52 20.12 3.12
N PHE A 392 -16.22 18.96 3.00
CA PHE A 392 -15.90 17.92 2.03
C PHE A 392 -15.92 18.49 0.62
N HIS A 393 -17.03 19.08 0.19
CA HIS A 393 -17.20 19.60 -1.16
C HIS A 393 -16.35 20.83 -1.44
N LEU A 394 -16.13 21.70 -0.45
CA LEU A 394 -15.30 22.90 -0.65
C LEU A 394 -13.82 22.53 -0.84
N GLN A 395 -13.36 21.44 -0.15
CA GLN A 395 -12.03 20.85 -0.29
C GLN A 395 -11.79 20.38 -1.71
N ASN A 396 -12.85 19.79 -2.32
CA ASN A 396 -12.90 19.22 -3.66
C ASN A 396 -12.95 20.30 -4.74
N GLY A 397 -13.21 21.55 -4.36
CA GLY A 397 -13.25 22.68 -5.30
C GLY A 397 -14.64 23.13 -5.74
N ALA A 398 -15.68 22.65 -5.03
CA ALA A 398 -17.07 22.99 -5.26
C ALA A 398 -17.36 24.44 -4.81
N VAL A 399 -18.43 25.05 -5.34
CA VAL A 399 -18.90 26.40 -5.00
C VAL A 399 -20.18 26.26 -4.19
N LEU A 400 -20.35 27.04 -3.09
CA LEU A 400 -21.59 26.99 -2.30
C LEU A 400 -22.63 27.80 -3.11
N TRP A 401 -23.19 27.12 -4.11
CA TRP A 401 -24.03 27.66 -5.18
C TRP A 401 -25.51 27.97 -4.81
N ARG A 402 -26.25 27.03 -4.16
CA ARG A 402 -27.65 27.31 -3.85
C ARG A 402 -28.10 26.69 -2.53
N ILE A 403 -29.01 27.38 -1.83
CA ILE A 403 -29.64 26.90 -0.60
C ILE A 403 -31.08 26.60 -1.00
N ASN A 404 -31.51 25.34 -0.79
CA ASN A 404 -32.83 24.83 -1.19
C ASN A 404 -33.77 24.65 -0.01
N TRP A 405 -34.89 25.37 -0.04
CA TRP A 405 -35.93 25.32 0.98
C TRP A 405 -36.85 24.11 0.74
N MET A 406 -37.10 23.32 1.81
CA MET A 406 -37.93 22.12 1.81
C MET A 406 -37.51 21.12 0.70
N ALA A 407 -36.19 20.87 0.60
CA ALA A 407 -35.62 19.95 -0.38
C ALA A 407 -35.77 18.53 0.09
N ASP A 408 -35.71 18.31 1.42
CA ASP A 408 -35.87 16.97 2.01
C ASP A 408 -36.93 17.04 3.11
N VAL A 409 -38.20 16.81 2.71
CA VAL A 409 -39.35 16.86 3.62
C VAL A 409 -39.51 15.50 4.37
N SER A 410 -38.46 14.64 4.35
CA SER A 410 -38.45 13.36 5.07
C SER A 410 -38.28 13.61 6.59
N LEU A 411 -38.52 12.56 7.42
CA LEU A 411 -38.38 12.63 8.89
C LEU A 411 -36.96 13.04 9.29
N ARG A 412 -35.94 12.45 8.65
CA ARG A 412 -34.53 12.74 8.89
C ARG A 412 -34.13 14.09 8.29
N GLY A 413 -34.81 14.48 7.21
CA GLY A 413 -34.56 15.74 6.51
C GLY A 413 -35.03 16.94 7.30
N ILE A 414 -36.21 16.84 7.93
CA ILE A 414 -36.79 17.92 8.73
C ILE A 414 -36.09 17.98 10.11
N THR A 415 -35.85 16.83 10.75
CA THR A 415 -35.18 16.79 12.05
C THR A 415 -33.66 17.08 11.93
N GLY A 416 -33.07 16.81 10.77
CA GLY A 416 -31.64 17.02 10.54
C GLY A 416 -31.20 18.40 10.10
N SER A 417 -31.84 18.94 9.05
CA SER A 417 -31.49 20.23 8.47
C SER A 417 -32.70 21.14 8.21
N CYS A 418 -33.87 20.88 8.87
CA CYS A 418 -35.13 21.64 8.77
C CYS A 418 -35.71 21.68 7.34
N GLY A 419 -35.51 20.60 6.59
CA GLY A 419 -35.95 20.46 5.20
C GLY A 419 -34.96 21.01 4.19
N LEU A 420 -33.99 21.83 4.64
CA LEU A 420 -32.98 22.49 3.81
C LEU A 420 -31.89 21.54 3.32
N MET A 421 -31.48 21.73 2.05
CA MET A 421 -30.41 21.03 1.30
C MET A 421 -29.68 22.08 0.52
N ALA A 422 -28.47 21.76 0.05
CA ALA A 422 -27.68 22.72 -0.70
C ALA A 422 -27.01 22.09 -1.91
N ASN A 423 -26.72 22.91 -2.93
CA ASN A 423 -26.05 22.51 -4.16
C ASN A 423 -24.61 23.01 -4.16
N TYR A 424 -23.64 22.09 -4.05
CA TYR A 424 -22.23 22.41 -4.12
C TYR A 424 -21.85 22.14 -5.56
N ARG A 425 -21.79 23.22 -6.39
CA ARG A 425 -21.57 23.13 -7.83
C ARG A 425 -20.11 23.02 -8.21
N TYR A 426 -19.83 22.04 -9.07
CA TYR A 426 -18.50 21.71 -9.58
C TYR A 426 -18.27 22.33 -10.95
N PHE A 427 -17.58 23.48 -10.97
CA PHE A 427 -17.17 24.12 -12.21
C PHE A 427 -15.78 23.58 -12.47
N LEU A 428 -15.69 22.53 -13.31
CA LEU A 428 -14.46 21.75 -13.58
C LEU A 428 -13.25 22.61 -13.98
N GLU A 429 -13.51 23.71 -14.71
CA GLU A 429 -12.48 24.66 -15.15
C GLU A 429 -11.78 25.37 -13.97
N GLU A 430 -12.42 25.43 -12.77
CA GLU A 430 -11.89 26.13 -11.61
C GLU A 430 -11.87 25.31 -10.30
N THR A 431 -12.10 23.98 -10.36
CA THR A 431 -12.07 23.13 -9.16
C THR A 431 -10.69 23.16 -8.49
N GLY A 432 -9.63 23.20 -9.31
CA GLY A 432 -8.24 23.28 -8.87
C GLY A 432 -7.97 24.49 -7.99
N PRO A 433 -8.10 25.73 -8.54
CA PRO A 433 -7.85 26.92 -7.72
C PRO A 433 -8.75 27.05 -6.50
N ASN A 434 -10.03 26.61 -6.60
CA ASN A 434 -11.01 26.65 -5.49
C ASN A 434 -10.59 25.73 -4.36
N SER A 435 -10.06 24.54 -4.73
CA SER A 435 -9.55 23.55 -3.78
C SER A 435 -8.39 24.16 -2.99
N THR A 436 -7.47 24.85 -3.72
CA THR A 436 -6.26 25.51 -3.22
C THR A 436 -6.65 26.66 -2.28
N SER A 437 -7.52 27.59 -2.75
CA SER A 437 -8.02 28.76 -1.98
C SER A 437 -8.67 28.34 -0.66
N TYR A 438 -9.40 27.21 -0.65
CA TYR A 438 -10.06 26.73 0.56
C TYR A 438 -9.06 26.09 1.54
N LEU A 439 -8.27 25.10 1.08
CA LEU A 439 -7.30 24.45 1.96
C LEU A 439 -6.24 25.45 2.44
N GLY A 440 -5.64 26.18 1.51
CA GLY A 440 -4.62 27.18 1.78
C GLY A 440 -5.03 28.41 2.56
N SER A 441 -5.85 29.29 1.94
CA SER A 441 -6.28 30.59 2.50
C SER A 441 -7.68 30.55 3.23
N LYS A 442 -8.30 29.34 3.38
CA LYS A 442 -9.59 29.09 4.06
C LYS A 442 -10.79 29.89 3.47
N ILE A 443 -10.73 30.20 2.16
CA ILE A 443 -11.73 30.95 1.41
C ILE A 443 -12.84 30.03 0.87
N ILE A 444 -14.09 30.43 1.09
CA ILE A 444 -15.28 29.75 0.59
C ILE A 444 -15.80 30.58 -0.59
N LYS A 445 -15.85 29.96 -1.78
CA LYS A 445 -16.41 30.60 -2.97
C LYS A 445 -17.92 30.32 -2.93
N ALA A 446 -18.76 31.38 -2.95
CA ALA A 446 -20.23 31.24 -2.89
C ALA A 446 -20.94 32.09 -3.96
N SER A 447 -22.16 31.68 -4.34
CA SER A 447 -23.00 32.35 -5.33
C SER A 447 -23.53 33.65 -4.74
N GLU A 448 -24.09 34.54 -5.60
CA GLU A 448 -24.67 35.81 -5.12
C GLU A 448 -25.87 35.52 -4.20
N GLN A 449 -26.70 34.47 -4.52
CA GLN A 449 -27.87 34.04 -3.74
C GLN A 449 -27.48 33.74 -2.29
N VAL A 450 -26.42 32.94 -2.11
CA VAL A 450 -25.88 32.52 -0.82
C VAL A 450 -25.29 33.73 -0.06
N LEU A 451 -24.49 34.57 -0.75
CA LEU A 451 -23.84 35.75 -0.16
C LEU A 451 -24.84 36.85 0.21
N SER A 452 -26.01 36.91 -0.46
CA SER A 452 -27.09 37.86 -0.17
C SER A 452 -27.72 37.53 1.17
N LEU A 453 -27.89 36.22 1.45
CA LEU A 453 -28.46 35.68 2.68
C LEU A 453 -27.52 35.90 3.89
N VAL A 454 -26.20 36.02 3.62
CA VAL A 454 -25.20 36.28 4.66
C VAL A 454 -25.13 37.83 4.87
N ALA A 455 -25.48 38.61 3.81
CA ALA A 455 -25.54 40.08 3.84
C ALA A 455 -26.73 40.51 4.69
N GLN A 456 -27.82 39.71 4.70
CA GLN A 456 -29.03 39.88 5.50
C GLN A 456 -28.70 39.69 6.99
N PHE A 457 -27.89 38.67 7.29
CA PHE A 457 -27.36 38.35 8.60
C PHE A 457 -26.25 39.39 8.95
N GLN A 458 -25.77 39.44 10.22
CA GLN A 458 -24.66 40.32 10.67
C GLN A 458 -24.66 41.73 10.03
N GLN B 8 20.69 22.76 -16.92
CA GLN B 8 20.00 23.99 -16.53
C GLN B 8 18.48 23.75 -16.43
N SER B 9 17.94 22.97 -17.39
CA SER B 9 16.54 22.60 -17.50
C SER B 9 16.09 21.72 -16.34
N MET B 10 16.99 20.85 -15.85
CA MET B 10 16.75 19.92 -14.75
C MET B 10 16.48 20.64 -13.43
N ASP B 11 17.24 21.71 -13.14
CA ASP B 11 17.10 22.51 -11.93
C ASP B 11 15.78 23.30 -11.94
N GLU B 12 15.40 23.85 -13.11
CA GLU B 12 14.15 24.61 -13.29
C GLU B 12 12.96 23.66 -13.28
N LEU B 13 13.09 22.49 -13.98
CA LEU B 13 12.01 21.52 -14.03
C LEU B 13 11.69 20.97 -12.62
N LEU B 14 12.72 20.48 -11.89
CA LEU B 14 12.56 19.90 -10.57
C LEU B 14 11.89 20.87 -9.60
N ARG B 15 12.24 22.14 -9.65
CA ARG B 15 11.63 23.18 -8.84
C ARG B 15 10.10 23.32 -9.11
N ARG B 16 9.65 23.09 -10.38
CA ARG B 16 8.23 23.19 -10.78
C ARG B 16 7.51 21.82 -10.92
N ALA B 17 8.24 20.69 -10.87
CA ALA B 17 7.66 19.34 -10.98
C ALA B 17 7.63 18.60 -9.64
N VAL B 18 8.60 18.83 -8.74
CA VAL B 18 8.55 18.18 -7.42
C VAL B 18 7.51 18.96 -6.57
N PRO B 19 6.42 18.28 -6.11
CA PRO B 19 5.41 18.97 -5.30
C PRO B 19 6.04 19.56 -4.03
N PRO B 20 5.61 20.76 -3.60
CA PRO B 20 6.23 21.36 -2.40
C PRO B 20 5.75 20.70 -1.12
N THR B 21 6.52 20.81 -0.03
CA THR B 21 6.15 20.23 1.27
C THR B 21 4.98 21.02 1.86
N PRO B 22 3.77 20.39 1.98
CA PRO B 22 2.63 21.13 2.52
C PRO B 22 2.80 21.44 4.00
N ALA B 23 2.06 22.43 4.49
CA ALA B 23 2.12 22.81 5.88
C ALA B 23 1.72 21.62 6.74
N TYR B 24 2.34 21.49 7.90
CA TYR B 24 2.04 20.40 8.83
C TYR B 24 0.51 20.25 8.95
N GLU B 25 -0.24 21.38 9.08
CA GLU B 25 -1.71 21.46 9.20
C GLU B 25 -2.46 20.84 7.99
N LEU B 26 -1.89 20.92 6.77
CA LEU B 26 -2.49 20.43 5.52
C LEU B 26 -1.75 19.21 4.92
N ARG B 27 -1.02 18.46 5.76
CA ARG B 27 -0.23 17.28 5.39
C ARG B 27 -1.07 16.09 4.92
N ALA B 28 -2.40 16.19 5.08
CA ALA B 28 -3.33 15.12 4.75
C ALA B 28 -4.03 15.30 3.40
N ALA B 29 -4.12 16.55 2.92
CA ALA B 29 -4.83 16.88 1.69
C ALA B 29 -3.92 16.88 0.49
N THR B 30 -4.41 16.27 -0.61
CA THR B 30 -3.73 16.22 -1.91
C THR B 30 -3.90 17.58 -2.58
N PRO B 31 -2.81 18.32 -2.89
CA PRO B 31 -2.98 19.57 -3.59
C PRO B 31 -3.37 19.29 -5.04
N ALA B 32 -4.27 20.15 -5.59
CA ALA B 32 -4.76 20.04 -6.97
C ALA B 32 -3.58 20.11 -8.00
N PRO B 33 -2.59 21.06 -7.86
CA PRO B 33 -1.48 21.11 -8.85
C PRO B 33 -0.54 19.91 -8.85
N ALA B 34 -0.41 19.19 -7.69
CA ALA B 34 0.46 18.04 -7.44
C ALA B 34 0.30 16.91 -8.45
N GLU B 35 -0.87 16.74 -9.09
CA GLU B 35 -1.07 15.72 -10.14
C GLU B 35 -0.35 16.15 -11.42
N GLY B 36 -0.64 17.38 -11.86
CA GLY B 36 -0.07 18.03 -13.04
C GLY B 36 1.42 18.24 -12.94
N GLN B 37 1.93 18.46 -11.72
CA GLN B 37 3.35 18.65 -11.42
C GLN B 37 4.13 17.36 -11.62
N CYS B 38 3.57 16.24 -11.12
CA CYS B 38 4.17 14.91 -11.20
CA CYS B 38 4.23 14.94 -11.21
C CYS B 38 4.07 14.31 -12.60
N ALA B 39 3.09 14.74 -13.42
CA ALA B 39 2.92 14.26 -14.81
C ALA B 39 3.99 14.90 -15.69
N ASP B 40 4.43 16.14 -15.35
CA ASP B 40 5.52 16.86 -16.04
C ASP B 40 6.84 16.15 -15.79
N PHE B 41 7.04 15.62 -14.55
CA PHE B 41 8.24 14.87 -14.17
C PHE B 41 8.37 13.62 -15.02
N VAL B 42 7.31 12.79 -15.05
CA VAL B 42 7.19 11.54 -15.81
C VAL B 42 7.50 11.79 -17.32
N SER B 43 6.99 12.92 -17.87
CA SER B 43 7.18 13.37 -19.24
C SER B 43 8.65 13.73 -19.53
N PHE B 44 9.28 14.58 -18.68
CA PHE B 44 10.68 14.99 -18.78
C PHE B 44 11.61 13.79 -18.59
N TYR B 45 11.31 12.89 -17.61
CA TYR B 45 12.10 11.67 -17.32
C TYR B 45 12.08 10.73 -18.50
N GLY B 46 10.91 10.59 -19.14
CA GLY B 46 10.73 9.75 -20.32
C GLY B 46 11.57 10.20 -21.50
N GLY B 47 11.63 11.52 -21.69
CA GLY B 47 12.37 12.21 -22.73
C GLY B 47 13.87 12.26 -22.56
N LEU B 48 14.40 11.59 -21.52
CA LEU B 48 15.84 11.48 -21.26
C LEU B 48 16.32 10.19 -21.93
N ALA B 49 17.20 10.31 -22.95
CA ALA B 49 17.71 9.17 -23.71
C ALA B 49 18.68 8.27 -22.91
N GLU B 50 19.94 8.73 -22.71
CA GLU B 50 21.02 8.00 -22.04
C GLU B 50 20.80 7.90 -20.52
N THR B 51 21.43 6.89 -19.88
CA THR B 51 21.35 6.69 -18.42
C THR B 51 22.09 7.80 -17.69
N ALA B 52 23.11 8.37 -18.33
CA ALA B 52 23.90 9.45 -17.75
C ALA B 52 23.05 10.70 -17.52
N GLN B 53 22.03 10.93 -18.39
CA GLN B 53 21.06 12.04 -18.31
C GLN B 53 20.16 11.83 -17.11
N ARG B 54 19.58 10.62 -17.01
CA ARG B 54 18.73 10.15 -15.92
C ARG B 54 19.47 10.18 -14.59
N ALA B 55 20.80 9.84 -14.58
CA ALA B 55 21.66 9.87 -13.40
C ALA B 55 21.83 11.31 -12.88
N GLU B 56 21.95 12.29 -13.80
CA GLU B 56 22.07 13.72 -13.47
C GLU B 56 20.80 14.23 -12.79
N LEU B 57 19.61 13.78 -13.26
CA LEU B 57 18.33 14.19 -12.70
C LEU B 57 18.08 13.56 -11.34
N LEU B 58 18.38 12.25 -11.17
CA LEU B 58 18.20 11.52 -9.91
C LEU B 58 19.14 12.05 -8.82
N GLY B 59 20.38 12.38 -9.19
CA GLY B 59 21.37 12.95 -8.29
C GLY B 59 20.95 14.29 -7.72
N ARG B 60 20.30 15.13 -8.56
CA ARG B 60 19.80 16.47 -8.19
C ARG B 60 18.56 16.37 -7.32
N LEU B 61 17.66 15.40 -7.59
CA LEU B 61 16.44 15.13 -6.83
C LEU B 61 16.77 14.72 -5.39
N ALA B 62 17.70 13.79 -5.18
CA ALA B 62 18.13 13.28 -3.88
C ALA B 62 18.74 14.34 -3.02
N ARG B 63 19.65 15.13 -3.60
CA ARG B 63 20.42 16.16 -2.94
C ARG B 63 19.60 17.42 -2.68
N GLY B 64 18.82 17.84 -3.67
CA GLY B 64 18.06 19.08 -3.57
C GLY B 64 16.69 19.00 -2.91
N PHE B 65 16.04 17.82 -2.94
CA PHE B 65 14.68 17.65 -2.45
C PHE B 65 14.56 16.61 -1.33
N GLY B 66 15.52 16.62 -0.42
CA GLY B 66 15.49 15.76 0.76
C GLY B 66 14.80 16.48 1.91
N VAL B 67 15.44 16.52 3.06
CA VAL B 67 14.96 17.14 4.29
C VAL B 67 15.46 18.60 4.42
N ASP B 68 14.65 19.47 5.05
CA ASP B 68 15.03 20.84 5.33
C ASP B 68 15.79 20.77 6.65
N HIS B 69 17.13 20.68 6.58
CA HIS B 69 18.00 20.51 7.74
C HIS B 69 17.87 21.64 8.76
N GLY B 70 17.52 22.85 8.29
CA GLY B 70 17.30 24.02 9.14
C GLY B 70 16.10 23.88 10.06
N GLN B 71 14.93 23.52 9.50
CA GLN B 71 13.68 23.30 10.23
C GLN B 71 13.79 22.14 11.23
N VAL B 72 14.56 21.07 10.90
CA VAL B 72 14.79 19.90 11.77
C VAL B 72 15.44 20.37 13.10
N ALA B 73 16.48 21.22 13.01
CA ALA B 73 17.20 21.80 14.16
C ALA B 73 16.30 22.71 15.01
N GLU B 74 15.37 23.44 14.36
CA GLU B 74 14.40 24.33 15.01
C GLU B 74 13.41 23.50 15.81
N GLN B 75 12.97 22.38 15.22
CA GLN B 75 12.03 21.42 15.81
C GLN B 75 12.69 20.59 16.89
N SER B 76 13.99 20.20 16.70
CA SER B 76 14.80 19.44 17.66
C SER B 76 14.99 20.28 18.94
N ALA B 77 15.29 21.59 18.78
CA ALA B 77 15.46 22.54 19.87
C ALA B 77 14.13 22.82 20.57
N GLY B 78 13.05 22.91 19.77
CA GLY B 78 11.70 23.13 20.24
C GLY B 78 11.18 22.04 21.17
N VAL B 79 11.61 20.78 20.92
CA VAL B 79 11.29 19.58 21.72
C VAL B 79 12.09 19.65 23.03
N LEU B 80 13.41 19.99 22.92
CA LEU B 80 14.31 20.12 24.07
C LEU B 80 13.95 21.29 24.98
N HIS B 81 13.33 22.35 24.42
CA HIS B 81 12.85 23.51 25.19
C HIS B 81 11.63 23.09 26.04
N LEU B 82 10.85 22.09 25.53
CA LEU B 82 9.65 21.51 26.17
C LEU B 82 9.99 20.35 27.13
N ARG B 83 11.28 20.02 27.28
CA ARG B 83 11.78 19.00 28.20
C ARG B 83 12.25 19.63 29.51
N GLN B 84 12.96 20.80 29.41
CA GLN B 84 13.48 21.59 30.53
C GLN B 84 12.34 22.01 31.45
N GLN B 85 11.16 22.24 30.85
CA GLN B 85 9.91 22.56 31.52
C GLN B 85 8.92 21.44 31.23
N GLN B 86 8.48 20.73 32.28
CA GLN B 86 7.52 19.62 32.16
C GLN B 86 6.18 20.19 31.70
N ARG B 87 5.98 20.20 30.38
CA ARG B 87 4.76 20.73 29.75
C ARG B 87 3.68 19.64 29.65
N GLU B 88 2.57 19.97 28.97
CA GLU B 88 1.44 19.07 28.74
C GLU B 88 1.87 17.91 27.87
N ALA B 89 1.20 16.74 28.01
CA ALA B 89 1.49 15.53 27.23
C ALA B 89 1.22 15.76 25.74
N ALA B 90 0.06 16.39 25.41
CA ALA B 90 -0.38 16.70 24.05
C ALA B 90 0.46 17.79 23.38
N VAL B 91 1.03 18.71 24.19
CA VAL B 91 1.88 19.82 23.74
C VAL B 91 3.20 19.26 23.20
N LEU B 92 3.80 18.28 23.94
CA LEU B 92 5.03 17.62 23.54
C LEU B 92 4.81 16.79 22.29
N LEU B 93 3.79 15.91 22.29
CA LEU B 93 3.49 15.00 21.17
C LEU B 93 3.30 15.73 19.84
N GLN B 94 2.70 16.93 19.85
CA GLN B 94 2.48 17.74 18.66
C GLN B 94 3.80 18.27 18.13
N ALA B 95 4.73 18.63 19.02
CA ALA B 95 6.06 19.16 18.72
C ALA B 95 6.96 18.06 18.18
N GLU B 96 6.81 16.83 18.72
CA GLU B 96 7.51 15.60 18.31
C GLU B 96 7.09 15.22 16.89
N ASP B 97 5.79 15.28 16.60
CA ASP B 97 5.18 14.98 15.30
C ASP B 97 5.63 16.02 14.26
N ARG B 98 5.76 17.31 14.65
CA ARG B 98 6.24 18.33 13.71
C ARG B 98 7.69 17.99 13.28
N LEU B 99 8.57 17.62 14.25
CA LEU B 99 9.94 17.14 14.00
C LEU B 99 9.93 15.86 13.13
N ARG B 100 8.97 14.94 13.39
CA ARG B 100 8.79 13.68 12.65
C ARG B 100 8.43 14.01 11.20
N TYR B 101 7.58 15.02 11.01
CA TYR B 101 7.13 15.49 9.70
C TYR B 101 8.29 16.22 8.96
N ALA B 102 9.10 16.98 9.70
CA ALA B 102 10.24 17.75 9.19
C ALA B 102 11.35 16.82 8.67
N LEU B 103 11.40 15.56 9.18
CA LEU B 103 12.38 14.53 8.83
C LEU B 103 11.96 13.69 7.62
N VAL B 104 10.77 13.94 7.05
CA VAL B 104 10.27 13.23 5.85
C VAL B 104 10.73 14.05 4.56
N PRO B 105 11.50 13.42 3.64
CA PRO B 105 12.02 14.16 2.49
C PRO B 105 10.96 14.57 1.47
N ARG B 106 11.18 15.71 0.78
CA ARG B 106 10.30 16.31 -0.21
C ARG B 106 10.08 15.38 -1.41
N TYR B 107 11.07 14.52 -1.78
CA TYR B 107 10.92 13.60 -2.94
C TYR B 107 9.92 12.51 -2.68
N ARG B 108 9.74 12.09 -1.41
CA ARG B 108 8.78 11.05 -1.05
C ARG B 108 7.37 11.44 -1.51
N GLY B 109 7.03 12.71 -1.41
CA GLY B 109 5.75 13.25 -1.85
C GLY B 109 5.57 13.18 -3.36
N LEU B 110 6.68 13.21 -4.12
CA LEU B 110 6.67 13.07 -5.57
C LEU B 110 6.37 11.61 -5.90
N PHE B 111 7.16 10.66 -5.32
CA PHE B 111 6.96 9.21 -5.51
C PHE B 111 5.55 8.80 -5.11
N HIS B 112 5.01 9.43 -4.07
CA HIS B 112 3.65 9.15 -3.60
C HIS B 112 2.59 9.64 -4.58
N HIS B 113 2.74 10.86 -5.10
CA HIS B 113 1.78 11.43 -6.02
C HIS B 113 1.89 10.84 -7.44
N ILE B 114 3.09 10.31 -7.81
CA ILE B 114 3.31 9.66 -9.11
C ILE B 114 2.54 8.35 -9.10
N SER B 115 2.53 7.61 -7.99
CA SER B 115 1.85 6.31 -7.88
C SER B 115 0.36 6.42 -8.25
N LYS B 116 -0.33 7.46 -7.77
CA LYS B 116 -1.76 7.71 -8.05
C LYS B 116 -2.04 7.86 -9.56
N LEU B 117 -0.99 8.16 -10.38
CA LEU B 117 -1.04 8.33 -11.83
C LEU B 117 -1.25 7.00 -12.51
N ASP B 118 -1.81 7.03 -13.74
CA ASP B 118 -2.04 5.83 -14.56
C ASP B 118 -0.68 5.33 -15.06
N GLY B 119 -0.30 4.15 -14.58
CA GLY B 119 1.00 3.55 -14.88
C GLY B 119 2.12 4.09 -14.01
N GLY B 120 1.73 4.74 -12.90
CA GLY B 120 2.61 5.37 -11.92
C GLY B 120 3.56 4.46 -11.21
N VAL B 121 3.07 3.36 -10.63
CA VAL B 121 3.92 2.39 -9.90
C VAL B 121 4.88 1.70 -10.91
N ARG B 122 4.42 1.46 -12.15
CA ARG B 122 5.23 0.88 -13.23
C ARG B 122 6.44 1.78 -13.53
N PHE B 123 6.21 3.11 -13.60
CA PHE B 123 7.23 4.13 -13.83
C PHE B 123 8.28 4.09 -12.73
N LEU B 124 7.83 4.01 -11.47
CA LEU B 124 8.66 4.03 -10.26
C LEU B 124 9.54 2.81 -10.14
N VAL B 125 9.06 1.65 -10.64
CA VAL B 125 9.82 0.39 -10.71
C VAL B 125 10.98 0.62 -11.73
N GLN B 126 10.67 1.21 -12.90
CA GLN B 126 11.67 1.54 -13.91
C GLN B 126 12.68 2.56 -13.35
N LEU B 127 12.21 3.59 -12.65
CA LEU B 127 13.05 4.62 -12.04
C LEU B 127 13.99 4.00 -10.99
N ARG B 128 13.57 2.93 -10.25
CA ARG B 128 14.47 2.30 -9.28
C ARG B 128 15.46 1.40 -10.00
N ALA B 129 15.04 0.82 -11.14
CA ALA B 129 15.89 -0.03 -11.97
C ALA B 129 17.05 0.80 -12.50
N ASP B 130 16.77 2.05 -12.92
CA ASP B 130 17.72 3.03 -13.43
C ASP B 130 18.61 3.54 -12.31
N LEU B 131 18.03 3.85 -11.14
CA LEU B 131 18.78 4.35 -9.98
C LEU B 131 19.82 3.33 -9.51
N LEU B 132 19.44 2.03 -9.52
CA LEU B 132 20.31 0.92 -9.17
C LEU B 132 21.46 0.82 -10.17
N GLU B 133 21.15 1.02 -11.47
CA GLU B 133 22.06 0.94 -12.59
C GLU B 133 23.06 2.07 -12.56
N ALA B 134 22.57 3.32 -12.40
CA ALA B 134 23.40 4.54 -12.30
C ALA B 134 24.37 4.45 -11.11
N GLN B 135 23.96 3.79 -10.01
CA GLN B 135 24.77 3.55 -8.83
C GLN B 135 25.85 2.53 -9.15
N ALA B 136 25.47 1.46 -9.90
CA ALA B 136 26.35 0.37 -10.33
C ALA B 136 27.41 0.84 -11.30
N LEU B 137 27.07 1.82 -12.16
CA LEU B 137 27.96 2.39 -13.16
C LEU B 137 28.69 3.64 -12.61
N LYS B 138 28.57 3.86 -11.30
CA LYS B 138 29.11 4.97 -10.51
C LYS B 138 28.84 6.38 -11.15
N LEU B 139 27.68 6.49 -11.86
CA LEU B 139 27.17 7.72 -12.45
C LEU B 139 26.59 8.60 -11.33
N VAL B 140 25.95 7.94 -10.31
CA VAL B 140 25.47 8.61 -9.11
C VAL B 140 26.20 8.02 -7.90
N GLU B 141 26.58 8.90 -6.96
CA GLU B 141 27.28 8.59 -5.73
C GLU B 141 26.77 9.48 -4.61
N GLY B 142 27.11 9.15 -3.36
CA GLY B 142 26.74 9.97 -2.21
C GLY B 142 25.71 9.36 -1.30
N PRO B 143 25.60 9.86 -0.04
CA PRO B 143 24.63 9.29 0.90
C PRO B 143 23.20 9.74 0.63
N ASP B 144 23.02 10.84 -0.13
CA ASP B 144 21.73 11.39 -0.49
C ASP B 144 21.01 10.47 -1.49
N VAL B 145 21.73 9.91 -2.49
CA VAL B 145 21.15 8.99 -3.47
C VAL B 145 20.87 7.63 -2.81
N ARG B 146 21.70 7.25 -1.81
CA ARG B 146 21.55 6.01 -1.06
C ARG B 146 20.25 6.07 -0.21
N GLU B 147 19.99 7.22 0.45
CA GLU B 147 18.79 7.48 1.24
C GLU B 147 17.55 7.41 0.37
N MET B 148 17.58 8.07 -0.82
CA MET B 148 16.50 8.09 -1.82
C MET B 148 16.24 6.69 -2.38
N ASN B 149 17.26 5.83 -2.49
CA ASN B 149 17.00 4.46 -2.95
C ASN B 149 16.31 3.63 -1.84
N GLY B 150 16.58 3.95 -0.60
CA GLY B 150 15.95 3.28 0.53
C GLY B 150 14.51 3.68 0.69
N VAL B 151 14.23 4.99 0.51
CA VAL B 151 12.90 5.62 0.57
C VAL B 151 12.02 4.96 -0.49
N LEU B 152 12.57 4.82 -1.73
CA LEU B 152 11.89 4.25 -2.88
C LEU B 152 11.68 2.76 -2.73
N LYS B 153 12.72 1.98 -2.35
CA LYS B 153 12.65 0.52 -2.11
C LYS B 153 11.60 0.21 -1.03
N GLY B 154 11.55 1.05 -0.01
CA GLY B 154 10.61 0.91 1.09
C GLY B 154 9.17 0.96 0.63
N MET B 155 8.87 1.90 -0.28
CA MET B 155 7.55 2.13 -0.88
C MET B 155 7.22 0.98 -1.79
N LEU B 156 8.16 0.55 -2.64
CA LEU B 156 7.96 -0.60 -3.55
C LEU B 156 7.77 -1.92 -2.81
N SER B 157 8.43 -2.12 -1.67
CA SER B 157 8.31 -3.29 -0.80
C SER B 157 6.92 -3.39 -0.17
N GLU B 158 6.13 -2.29 -0.15
CA GLU B 158 4.77 -2.26 0.41
C GLU B 158 3.74 -2.54 -0.65
N TRP B 159 3.96 -2.03 -1.86
CA TRP B 159 3.05 -2.22 -3.00
C TRP B 159 3.12 -3.63 -3.57
N PHE B 160 4.29 -4.28 -3.47
CA PHE B 160 4.55 -5.61 -3.98
C PHE B 160 4.70 -6.62 -2.85
N SER B 161 3.88 -6.42 -1.80
CA SER B 161 3.80 -7.26 -0.59
C SER B 161 2.96 -8.44 -0.93
N SER B 162 3.16 -9.61 -0.32
CA SER B 162 2.40 -10.83 -0.69
C SER B 162 0.87 -10.56 -0.84
N GLY B 163 0.28 -9.80 0.07
CA GLY B 163 -1.13 -9.44 0.07
C GLY B 163 -1.62 -8.75 -1.19
N PHE B 164 -0.72 -8.02 -1.87
CA PHE B 164 -1.00 -7.29 -3.10
C PHE B 164 -0.67 -8.13 -4.37
N LEU B 165 -0.16 -9.37 -4.20
CA LEU B 165 0.20 -10.21 -5.35
C LEU B 165 -0.79 -11.33 -5.53
N ASN B 166 -1.08 -11.73 -6.81
CA ASN B 166 -1.91 -12.91 -7.15
C ASN B 166 -1.03 -14.11 -7.54
N LEU B 167 -1.39 -15.34 -7.10
CA LEU B 167 -0.72 -16.56 -7.54
C LEU B 167 -1.49 -17.11 -8.74
N GLU B 168 -0.86 -17.08 -9.91
CA GLU B 168 -1.46 -17.55 -11.15
C GLU B 168 -0.76 -18.80 -11.61
N ARG B 169 -1.51 -19.75 -12.19
CA ARG B 169 -0.99 -21.00 -12.74
C ARG B 169 -1.00 -20.98 -14.27
N VAL B 170 0.11 -21.44 -14.89
CA VAL B 170 0.29 -21.50 -16.33
C VAL B 170 0.08 -22.92 -16.84
N THR B 171 -0.93 -23.06 -17.71
CA THR B 171 -1.34 -24.28 -18.42
C THR B 171 -1.34 -23.93 -19.94
N TRP B 172 -1.64 -24.88 -20.83
CA TRP B 172 -1.69 -24.60 -22.27
C TRP B 172 -2.99 -23.85 -22.66
N HIS B 173 -3.80 -23.48 -21.65
CA HIS B 173 -5.05 -22.72 -21.75
C HIS B 173 -4.76 -21.21 -21.50
N SER B 174 -3.56 -20.91 -21.05
CA SER B 174 -3.14 -19.54 -20.77
C SER B 174 -2.89 -18.81 -22.11
N PRO B 175 -3.01 -17.45 -22.18
CA PRO B 175 -2.74 -16.75 -23.46
C PRO B 175 -1.30 -17.01 -23.94
N CYS B 176 -1.01 -16.98 -25.29
CA CYS B 176 0.38 -17.25 -25.70
CA CYS B 176 0.36 -17.21 -25.75
C CYS B 176 1.26 -16.03 -25.37
N GLU B 177 0.66 -14.83 -25.11
CA GLU B 177 1.42 -13.64 -24.71
C GLU B 177 2.05 -13.86 -23.34
N VAL B 178 1.34 -14.55 -22.42
CA VAL B 178 1.79 -14.92 -21.08
C VAL B 178 2.87 -16.01 -21.21
N LEU B 179 2.63 -17.05 -22.03
CA LEU B 179 3.63 -18.11 -22.24
C LEU B 179 4.91 -17.56 -22.86
N GLN B 180 4.81 -16.57 -23.78
CA GLN B 180 5.96 -15.93 -24.40
C GLN B 180 6.75 -15.18 -23.31
N LYS B 181 6.03 -14.35 -22.50
CA LYS B 181 6.57 -13.58 -21.38
C LYS B 181 7.36 -14.51 -20.44
N ILE B 182 6.77 -15.68 -20.08
CA ILE B 182 7.33 -16.71 -19.19
C ILE B 182 8.54 -17.41 -19.85
N SER B 183 8.45 -17.72 -21.17
CA SER B 183 9.55 -18.34 -21.93
C SER B 183 10.76 -17.40 -21.99
N GLU B 184 10.49 -16.09 -22.16
CA GLU B 184 11.45 -15.00 -22.24
C GLU B 184 12.08 -14.69 -20.89
N ALA B 185 11.32 -14.87 -19.78
CA ALA B 185 11.73 -14.63 -18.39
C ALA B 185 12.68 -15.69 -17.85
N GLU B 186 12.86 -16.82 -18.59
CA GLU B 186 13.71 -17.96 -18.21
C GLU B 186 15.19 -17.56 -18.06
N ALA B 187 15.60 -17.40 -16.79
CA ALA B 187 16.94 -16.99 -16.40
C ALA B 187 17.71 -18.13 -15.70
N VAL B 188 17.43 -19.39 -16.06
CA VAL B 188 18.05 -20.56 -15.39
C VAL B 188 18.39 -21.61 -16.46
N HIS B 189 17.36 -22.23 -17.09
CA HIS B 189 17.47 -23.28 -18.12
C HIS B 189 16.61 -22.87 -19.32
N PRO B 190 17.18 -22.11 -20.28
CA PRO B 190 16.40 -21.60 -21.41
C PRO B 190 15.56 -22.64 -22.19
N VAL B 191 14.37 -22.19 -22.64
CA VAL B 191 13.40 -22.95 -23.41
C VAL B 191 13.90 -23.05 -24.87
N LYS B 192 13.89 -24.28 -25.45
CA LYS B 192 14.36 -24.57 -26.81
C LYS B 192 13.33 -24.18 -27.91
N ASN B 193 12.07 -24.65 -27.80
CA ASN B 193 10.99 -24.39 -28.77
C ASN B 193 9.61 -24.32 -28.08
N TRP B 194 8.51 -24.05 -28.85
CA TRP B 194 7.17 -23.96 -28.26
C TRP B 194 6.67 -25.33 -27.75
N MET B 195 7.19 -26.43 -28.31
CA MET B 195 6.86 -27.79 -27.90
C MET B 195 7.45 -28.08 -26.51
N ASP B 196 8.65 -27.50 -26.20
CA ASP B 196 9.34 -27.60 -24.90
C ASP B 196 8.52 -26.86 -23.82
N MET B 197 8.05 -25.64 -24.17
CA MET B 197 7.22 -24.79 -23.32
C MET B 197 5.91 -25.52 -22.99
N LYS B 198 5.29 -26.21 -23.98
CA LYS B 198 4.05 -27.00 -23.81
C LYS B 198 4.25 -28.14 -22.80
N ARG B 199 5.46 -28.75 -22.78
CA ARG B 199 5.81 -29.82 -21.85
C ARG B 199 5.96 -29.33 -20.41
N ARG B 200 6.59 -28.14 -20.23
CA ARG B 200 6.89 -27.47 -18.95
C ARG B 200 5.64 -26.98 -18.21
N VAL B 201 4.49 -26.85 -18.91
CA VAL B 201 3.17 -26.46 -18.39
C VAL B 201 2.23 -27.70 -18.40
N GLY B 202 2.71 -28.75 -19.08
CA GLY B 202 1.99 -30.00 -19.27
C GLY B 202 1.88 -30.90 -18.07
N PRO B 203 1.39 -32.16 -18.29
CA PRO B 203 1.24 -33.11 -17.18
C PRO B 203 2.55 -33.43 -16.48
N TYR B 204 2.45 -33.60 -15.13
CA TYR B 204 3.52 -33.86 -14.15
C TYR B 204 4.44 -32.65 -13.96
N ARG B 205 3.96 -31.47 -14.40
CA ARG B 205 4.62 -30.17 -14.29
C ARG B 205 3.64 -29.11 -13.80
N ARG B 206 4.12 -28.25 -12.90
CA ARG B 206 3.36 -27.14 -12.35
C ARG B 206 4.16 -25.84 -12.54
N CYS B 207 3.61 -24.90 -13.31
CA CYS B 207 4.24 -23.60 -13.52
C CYS B 207 3.35 -22.53 -12.89
N TYR B 208 3.93 -21.75 -11.97
CA TYR B 208 3.27 -20.69 -11.21
C TYR B 208 4.00 -19.35 -11.35
N PHE B 209 3.24 -18.25 -11.28
CA PHE B 209 3.82 -16.90 -11.30
C PHE B 209 3.04 -15.95 -10.36
N PHE B 210 3.60 -14.77 -10.15
CA PHE B 210 3.07 -13.68 -9.33
C PHE B 210 2.82 -12.50 -10.20
N SER B 211 1.59 -12.01 -10.19
CA SER B 211 1.28 -10.78 -10.90
C SER B 211 0.80 -9.78 -9.86
N HIS B 212 0.96 -8.48 -10.11
CA HIS B 212 0.45 -7.49 -9.16
C HIS B 212 -1.10 -7.45 -9.33
N CYS B 213 -1.89 -7.30 -8.23
CA CYS B 213 -3.36 -7.25 -8.28
CA CYS B 213 -3.36 -7.29 -8.31
C CYS B 213 -3.86 -6.23 -9.30
N SER B 214 -3.08 -5.16 -9.55
CA SER B 214 -3.38 -4.09 -10.49
C SER B 214 -3.24 -4.54 -11.95
N THR B 215 -2.23 -5.38 -12.24
CA THR B 215 -1.90 -5.89 -13.58
C THR B 215 -2.00 -7.44 -13.62
N PRO B 216 -3.21 -8.02 -13.77
CA PRO B 216 -3.31 -9.49 -13.85
C PRO B 216 -2.72 -10.02 -15.16
N GLY B 217 -2.12 -11.21 -15.10
CA GLY B 217 -1.52 -11.87 -16.25
C GLY B 217 -0.19 -11.30 -16.72
N GLU B 218 0.50 -10.54 -15.86
CA GLU B 218 1.81 -9.95 -16.13
C GLU B 218 2.81 -10.46 -15.08
N PRO B 219 3.72 -11.42 -15.41
CA PRO B 219 4.55 -12.03 -14.36
C PRO B 219 5.71 -11.19 -13.87
N LEU B 220 5.83 -11.16 -12.53
CA LEU B 220 6.88 -10.48 -11.75
C LEU B 220 7.99 -11.46 -11.36
N VAL B 221 7.60 -12.72 -11.08
CA VAL B 221 8.44 -13.84 -10.64
C VAL B 221 7.75 -15.16 -11.06
N VAL B 222 8.52 -16.10 -11.63
CA VAL B 222 8.08 -17.42 -12.15
C VAL B 222 8.80 -18.57 -11.41
N LEU B 223 8.05 -19.64 -11.08
CA LEU B 223 8.58 -20.85 -10.45
C LEU B 223 8.06 -22.07 -11.20
N HIS B 224 8.99 -22.95 -11.61
CA HIS B 224 8.74 -24.22 -12.29
C HIS B 224 8.93 -25.38 -11.32
N VAL B 225 7.89 -26.23 -11.20
CA VAL B 225 7.83 -27.41 -10.33
C VAL B 225 7.63 -28.66 -11.19
N ALA B 226 8.35 -29.75 -10.87
CA ALA B 226 8.25 -31.06 -11.50
C ALA B 226 7.73 -32.07 -10.47
N LEU B 227 6.63 -32.77 -10.79
CA LEU B 227 6.02 -33.79 -9.93
C LEU B 227 6.58 -35.15 -10.31
N THR B 228 7.49 -35.66 -9.45
CA THR B 228 8.28 -36.88 -9.63
C THR B 228 8.08 -37.87 -8.45
N GLY B 229 8.71 -39.05 -8.57
CA GLY B 229 8.69 -40.12 -7.58
C GLY B 229 9.94 -40.18 -6.72
N ASP B 230 10.98 -39.38 -7.05
CA ASP B 230 12.26 -39.28 -6.33
C ASP B 230 12.85 -37.83 -6.38
N ILE B 231 13.83 -37.52 -5.50
CA ILE B 231 14.50 -36.22 -5.53
C ILE B 231 15.47 -36.28 -6.74
N SER B 232 15.10 -35.56 -7.81
CA SER B 232 15.81 -35.48 -9.09
C SER B 232 17.26 -35.08 -8.90
N SER B 233 18.14 -35.75 -9.64
CA SER B 233 19.60 -35.58 -9.64
C SER B 233 20.13 -35.08 -11.01
N ASN B 234 19.24 -34.94 -12.02
CA ASN B 234 19.58 -34.53 -13.39
C ASN B 234 18.51 -33.62 -13.98
N ILE B 235 18.94 -32.48 -14.59
CA ILE B 235 18.02 -31.51 -15.19
C ILE B 235 17.50 -31.99 -16.56
N GLN B 236 18.35 -32.69 -17.37
CA GLN B 236 17.94 -33.22 -18.69
C GLN B 236 16.86 -34.28 -18.51
N ALA B 237 16.84 -34.96 -17.35
CA ALA B 237 15.80 -35.93 -16.97
C ALA B 237 14.46 -35.23 -16.77
N ILE B 238 14.46 -33.91 -16.39
CA ILE B 238 13.24 -33.12 -16.19
C ILE B 238 12.81 -32.43 -17.50
N VAL B 239 13.65 -31.49 -18.03
CA VAL B 239 13.37 -30.69 -19.24
C VAL B 239 13.15 -31.58 -20.49
N LYS B 240 13.92 -32.67 -20.66
CA LYS B 240 13.80 -33.58 -21.79
C LYS B 240 13.11 -34.87 -21.33
N GLU B 241 11.79 -34.79 -21.10
CA GLU B 241 10.95 -35.88 -20.64
C GLU B 241 9.54 -35.69 -21.16
N HIS B 242 8.90 -36.79 -21.59
CA HIS B 242 7.53 -36.81 -22.11
C HIS B 242 6.61 -37.56 -21.12
N PRO B 243 6.05 -36.87 -20.09
CA PRO B 243 5.17 -37.57 -19.13
C PRO B 243 3.75 -37.80 -19.69
N PRO B 244 3.07 -38.92 -19.31
CA PRO B 244 1.71 -39.15 -19.84
C PRO B 244 0.61 -38.40 -19.08
N LYS B 252 1.68 -42.23 -9.23
CA LYS B 252 1.65 -41.44 -8.00
C LYS B 252 2.93 -40.61 -7.84
N ILE B 253 2.77 -39.30 -7.46
CA ILE B 253 3.83 -38.32 -7.23
C ILE B 253 4.26 -38.39 -5.74
N THR B 254 5.59 -38.50 -5.50
CA THR B 254 6.22 -38.61 -4.17
C THR B 254 6.93 -37.30 -3.77
N ALA B 255 7.58 -36.63 -4.73
CA ALA B 255 8.35 -35.41 -4.51
C ALA B 255 7.97 -34.27 -5.46
N ALA B 256 8.12 -33.01 -5.00
CA ALA B 256 7.90 -31.79 -5.80
C ALA B 256 9.25 -31.10 -5.93
N ILE B 257 9.81 -31.09 -7.15
CA ILE B 257 11.14 -30.51 -7.41
C ILE B 257 11.04 -29.13 -8.09
N PHE B 258 11.61 -28.10 -7.44
CA PHE B 258 11.69 -26.73 -7.96
C PHE B 258 12.93 -26.65 -8.86
N TYR B 259 12.74 -26.69 -10.18
CA TYR B 259 13.90 -26.76 -11.07
C TYR B 259 14.29 -25.40 -11.67
N SER B 260 13.38 -24.39 -11.59
CA SER B 260 13.63 -23.03 -12.09
C SER B 260 12.80 -21.97 -11.34
N ILE B 261 13.44 -20.83 -10.97
CA ILE B 261 12.84 -19.65 -10.32
C ILE B 261 13.40 -18.42 -11.04
N SER B 262 12.52 -17.60 -11.62
CA SER B 262 12.94 -16.43 -12.40
C SER B 262 12.22 -15.15 -11.99
N LEU B 263 12.95 -14.02 -11.94
CA LEU B 263 12.44 -12.67 -11.64
C LEU B 263 12.41 -11.84 -12.95
N THR B 264 11.37 -10.98 -13.15
CA THR B 264 11.19 -10.20 -14.39
C THR B 264 11.51 -8.65 -14.26
N GLN B 265 11.59 -8.09 -13.04
CA GLN B 265 11.80 -6.65 -12.83
C GLN B 265 13.02 -6.32 -11.98
N GLN B 266 14.03 -5.64 -12.58
CA GLN B 266 15.26 -5.27 -11.86
C GLN B 266 14.97 -4.19 -10.82
N GLY B 267 13.92 -3.41 -11.03
CA GLY B 267 13.48 -2.37 -10.09
C GLY B 267 13.01 -2.93 -8.76
N LEU B 268 12.57 -4.21 -8.73
CA LEU B 268 12.10 -4.91 -7.53
C LEU B 268 13.20 -5.84 -6.95
N GLN B 269 14.47 -5.39 -7.00
CA GLN B 269 15.64 -6.13 -6.52
C GLN B 269 15.78 -5.92 -5.01
N GLY B 270 15.26 -6.88 -4.24
CA GLY B 270 15.32 -6.89 -2.78
C GLY B 270 13.98 -6.81 -2.08
N VAL B 271 12.88 -7.07 -2.83
CA VAL B 271 11.48 -6.98 -2.38
C VAL B 271 10.97 -8.39 -1.94
N GLU B 272 11.86 -9.42 -1.90
CA GLU B 272 11.61 -10.78 -1.37
C GLU B 272 10.46 -11.57 -2.04
N LEU B 273 10.29 -11.42 -3.36
CA LEU B 273 9.26 -12.10 -4.16
C LEU B 273 9.42 -13.63 -4.23
N GLY B 274 10.63 -14.14 -4.51
CA GLY B 274 10.92 -15.58 -4.63
C GLY B 274 10.68 -16.40 -3.36
N THR B 275 10.92 -15.78 -2.20
CA THR B 275 10.73 -16.35 -0.88
C THR B 275 9.23 -16.56 -0.63
N PHE B 276 8.39 -15.60 -1.05
CA PHE B 276 6.92 -15.71 -0.92
C PHE B 276 6.31 -16.64 -1.97
N LEU B 277 6.98 -16.86 -3.13
CA LEU B 277 6.43 -17.74 -4.19
C LEU B 277 6.54 -19.19 -3.75
N ILE B 278 7.72 -19.59 -3.23
CA ILE B 278 7.95 -20.94 -2.71
C ILE B 278 6.95 -21.21 -1.55
N LYS B 279 6.74 -20.24 -0.67
CA LYS B 279 5.84 -20.35 0.48
C LYS B 279 4.42 -20.63 0.02
N ARG B 280 3.92 -19.83 -0.94
CA ARG B 280 2.56 -19.88 -1.50
C ARG B 280 2.30 -21.08 -2.42
N VAL B 281 3.33 -21.51 -3.20
CA VAL B 281 3.26 -22.64 -4.15
C VAL B 281 3.20 -23.96 -3.37
N VAL B 282 3.97 -24.10 -2.26
CA VAL B 282 3.98 -25.30 -1.41
C VAL B 282 2.56 -25.49 -0.84
N LYS B 283 1.95 -24.41 -0.25
CA LYS B 283 0.59 -24.42 0.29
C LYS B 283 -0.42 -24.85 -0.78
N GLU B 284 -0.26 -24.34 -2.00
CA GLU B 284 -1.10 -24.67 -3.14
C GLU B 284 -0.91 -26.15 -3.54
N LEU B 285 0.35 -26.66 -3.52
CA LEU B 285 0.68 -28.06 -3.86
C LEU B 285 0.12 -29.01 -2.82
N GLN B 286 0.17 -28.63 -1.54
CA GLN B 286 -0.38 -29.41 -0.42
C GLN B 286 -1.92 -29.49 -0.51
N ARG B 287 -2.58 -28.41 -0.99
CA ARG B 287 -4.03 -28.33 -1.22
C ARG B 287 -4.44 -29.32 -2.31
N GLU B 288 -3.63 -29.40 -3.38
CA GLU B 288 -3.84 -30.32 -4.50
C GLU B 288 -3.52 -31.74 -4.11
N PHE B 289 -2.39 -31.94 -3.41
CA PHE B 289 -1.90 -33.25 -3.00
C PHE B 289 -1.66 -33.29 -1.47
N PRO B 290 -2.69 -33.65 -0.64
CA PRO B 290 -2.48 -33.67 0.82
C PRO B 290 -1.49 -34.73 1.32
N HIS B 291 -1.19 -35.75 0.50
CA HIS B 291 -0.28 -36.83 0.88
C HIS B 291 1.13 -36.64 0.29
N LEU B 292 1.53 -35.36 0.05
CA LEU B 292 2.83 -34.97 -0.50
C LEU B 292 3.65 -34.29 0.60
N GLY B 293 4.76 -34.93 0.99
CA GLY B 293 5.65 -34.45 2.05
C GLY B 293 7.11 -34.31 1.68
N VAL B 294 7.46 -34.47 0.40
CA VAL B 294 8.83 -34.32 -0.10
C VAL B 294 8.90 -33.10 -1.00
N PHE B 295 9.70 -32.13 -0.62
CA PHE B 295 9.93 -30.90 -1.36
C PHE B 295 11.41 -30.62 -1.38
N SER B 296 11.96 -30.41 -2.58
CA SER B 296 13.39 -30.11 -2.77
C SER B 296 13.59 -29.34 -4.06
N SER B 297 14.75 -28.75 -4.21
CA SER B 297 15.10 -28.07 -5.44
C SER B 297 16.17 -28.87 -6.15
N LEU B 298 16.37 -28.60 -7.44
CA LEU B 298 17.47 -29.08 -8.26
C LEU B 298 17.99 -27.79 -8.89
N SER B 299 18.85 -27.13 -8.12
CA SER B 299 19.40 -25.82 -8.44
C SER B 299 20.81 -25.92 -9.04
N PRO B 300 21.16 -25.04 -10.02
CA PRO B 300 22.55 -25.06 -10.51
C PRO B 300 23.49 -24.41 -9.48
N ILE B 301 24.79 -24.34 -9.81
CA ILE B 301 25.79 -23.76 -8.93
C ILE B 301 26.58 -22.69 -9.70
N PRO B 302 25.95 -21.52 -9.95
CA PRO B 302 26.58 -20.56 -10.85
C PRO B 302 27.70 -19.78 -10.15
N GLY B 303 28.81 -19.68 -10.86
CA GLY B 303 30.00 -18.97 -10.39
C GLY B 303 31.03 -19.90 -9.80
N PHE B 304 30.70 -21.22 -9.77
CA PHE B 304 31.60 -22.24 -9.25
C PHE B 304 32.84 -22.35 -10.13
N THR B 305 32.66 -22.61 -11.46
CA THR B 305 33.73 -22.73 -12.46
C THR B 305 34.63 -21.47 -12.40
N LYS B 306 34.00 -20.27 -12.31
CA LYS B 306 34.66 -18.97 -12.18
C LYS B 306 35.53 -18.91 -10.90
N TRP B 307 34.98 -19.40 -9.75
CA TRP B 307 35.68 -19.46 -8.45
C TRP B 307 36.84 -20.45 -8.52
N LEU B 308 36.60 -21.63 -9.15
CA LEU B 308 37.57 -22.71 -9.34
C LEU B 308 38.73 -22.24 -10.21
N LEU B 309 38.45 -21.54 -11.33
CA LEU B 309 39.47 -21.01 -12.24
C LEU B 309 40.23 -19.85 -11.59
N GLY B 310 39.54 -19.12 -10.71
CA GLY B 310 40.07 -18.00 -9.93
C GLY B 310 41.07 -18.46 -8.88
N LEU B 311 40.90 -19.71 -8.40
CA LEU B 311 41.80 -20.37 -7.44
C LEU B 311 43.09 -20.80 -8.14
N LEU B 312 42.96 -21.31 -9.38
CA LEU B 312 44.03 -21.81 -10.24
C LEU B 312 45.01 -20.69 -10.73
N ASN B 313 45.26 -19.67 -9.88
CA ASN B 313 46.17 -18.55 -10.17
C ASN B 313 46.98 -18.19 -8.93
N GLU B 343 47.81 -27.90 -13.00
CA GLU B 343 47.13 -26.72 -12.45
C GLU B 343 47.02 -25.58 -13.47
N THR B 344 47.74 -25.69 -14.61
CA THR B 344 47.71 -24.72 -15.72
C THR B 344 46.96 -25.35 -16.88
N LEU B 345 47.05 -26.69 -16.99
CA LEU B 345 46.36 -27.51 -17.99
C LEU B 345 44.84 -27.49 -17.72
N LYS B 346 44.42 -27.59 -16.44
CA LYS B 346 43.02 -27.57 -16.00
C LYS B 346 42.45 -26.16 -16.13
N LEU B 347 43.32 -25.12 -16.13
CA LEU B 347 42.94 -23.70 -16.29
C LEU B 347 42.58 -23.44 -17.76
N LEU B 348 43.21 -24.18 -18.69
CA LEU B 348 42.94 -24.07 -20.13
C LEU B 348 41.74 -24.96 -20.49
N LEU B 349 41.78 -26.25 -20.09
CA LEU B 349 40.75 -27.29 -20.38
C LEU B 349 39.33 -26.93 -19.87
N SER B 350 39.20 -26.40 -18.63
CA SER B 350 37.91 -26.02 -18.04
C SER B 350 37.28 -24.82 -18.78
N SER B 351 36.68 -25.14 -19.95
CA SER B 351 35.96 -24.30 -20.91
C SER B 351 35.28 -25.18 -21.99
N SER B 352 34.18 -25.87 -21.56
CA SER B 352 33.23 -26.75 -22.28
C SER B 352 33.80 -28.04 -22.92
N GLU B 353 34.84 -27.94 -23.76
CA GLU B 353 35.45 -29.01 -24.55
C GLU B 353 36.03 -30.21 -23.73
N TRP B 354 36.42 -29.99 -22.45
CA TRP B 354 37.03 -30.99 -21.57
C TRP B 354 36.15 -32.23 -21.27
N VAL B 355 34.80 -32.06 -21.28
CA VAL B 355 33.80 -33.10 -21.00
C VAL B 355 33.85 -34.27 -22.01
N GLN B 356 34.42 -34.03 -23.21
CA GLN B 356 34.56 -34.98 -24.33
C GLN B 356 35.39 -36.23 -23.97
N SER B 357 36.42 -36.09 -23.08
CA SER B 357 37.28 -37.20 -22.65
C SER B 357 36.70 -37.88 -21.41
N GLU B 358 36.42 -39.20 -21.52
CA GLU B 358 35.84 -40.04 -20.46
C GLU B 358 36.84 -40.28 -19.33
N LYS B 359 38.16 -40.29 -19.65
CA LYS B 359 39.25 -40.50 -18.71
C LYS B 359 39.42 -39.27 -17.80
N LEU B 360 39.29 -38.04 -18.36
CA LEU B 360 39.43 -36.78 -17.63
C LEU B 360 38.24 -36.54 -16.66
N VAL B 361 36.98 -36.81 -17.11
CA VAL B 361 35.75 -36.64 -16.32
C VAL B 361 35.79 -37.60 -15.11
N ARG B 362 36.03 -38.91 -15.35
CA ARG B 362 36.11 -39.95 -14.32
C ARG B 362 37.13 -39.59 -13.22
N ALA B 363 38.28 -39.01 -13.61
CA ALA B 363 39.36 -38.59 -12.72
C ALA B 363 38.98 -37.38 -11.87
N LEU B 364 38.22 -36.43 -12.47
CA LEU B 364 37.81 -35.18 -11.84
C LEU B 364 36.52 -35.30 -11.01
N GLN B 365 35.94 -36.52 -10.83
CA GLN B 365 34.70 -36.73 -10.08
C GLN B 365 34.83 -36.41 -8.58
N THR B 366 35.68 -37.16 -7.85
CA THR B 366 35.91 -36.96 -6.41
C THR B 366 36.56 -35.57 -6.10
N PRO B 367 37.55 -35.01 -6.89
CA PRO B 367 38.13 -33.71 -6.52
C PRO B 367 37.18 -32.52 -6.66
N LEU B 368 36.48 -32.41 -7.82
CA LEU B 368 35.56 -31.31 -8.10
C LEU B 368 34.35 -31.30 -7.16
N MET B 369 33.91 -32.48 -6.67
CA MET B 369 32.77 -32.56 -5.74
C MET B 369 33.16 -32.09 -4.35
N ARG B 370 34.41 -32.35 -3.91
CA ARG B 370 34.87 -31.90 -2.59
C ARG B 370 35.13 -30.38 -2.63
N LEU B 371 35.57 -29.83 -3.78
CA LEU B 371 35.81 -28.40 -4.00
C LEU B 371 34.48 -27.65 -4.09
N CYS B 372 33.44 -28.32 -4.63
CA CYS B 372 32.08 -27.81 -4.76
C CYS B 372 31.45 -27.73 -3.36
N ALA B 373 31.55 -28.83 -2.58
CA ALA B 373 31.06 -28.93 -1.20
C ALA B 373 31.61 -27.78 -0.34
N TRP B 374 32.92 -27.46 -0.50
CA TRP B 374 33.55 -26.33 0.19
C TRP B 374 33.02 -24.98 -0.36
N TYR B 375 32.86 -24.85 -1.70
CA TYR B 375 32.38 -23.62 -2.33
C TYR B 375 30.98 -23.25 -1.80
N LEU B 376 30.15 -24.28 -1.51
CA LEU B 376 28.80 -24.11 -1.01
C LEU B 376 28.78 -23.91 0.52
N TYR B 377 29.38 -24.85 1.30
CA TYR B 377 29.37 -24.85 2.77
C TYR B 377 30.44 -23.95 3.44
N GLY B 378 31.67 -23.98 2.94
CA GLY B 378 32.75 -23.24 3.56
C GLY B 378 33.03 -21.84 3.04
N GLU B 379 32.81 -21.60 1.75
CA GLU B 379 33.09 -20.29 1.17
C GLU B 379 32.00 -19.33 1.58
N LYS B 380 32.42 -18.22 2.22
CA LYS B 380 31.54 -17.20 2.75
C LYS B 380 31.74 -15.85 2.10
N HIS B 381 30.71 -15.01 2.21
CA HIS B 381 30.66 -13.63 1.79
C HIS B 381 29.83 -12.87 2.81
N ARG B 382 30.50 -11.99 3.59
CA ARG B 382 29.94 -11.21 4.70
C ARG B 382 29.33 -12.17 5.74
N GLY B 383 29.99 -13.31 5.93
CA GLY B 383 29.61 -14.38 6.86
C GLY B 383 28.58 -15.36 6.34
N TYR B 384 27.85 -14.98 5.27
CA TYR B 384 26.80 -15.78 4.65
C TYR B 384 27.37 -16.57 3.48
N ALA B 385 26.59 -17.53 2.93
CA ALA B 385 27.01 -18.37 1.80
C ALA B 385 27.45 -17.53 0.57
N LEU B 386 28.63 -17.86 0.01
CA LEU B 386 29.22 -17.18 -1.14
C LEU B 386 28.29 -17.26 -2.36
N ASN B 387 27.74 -18.44 -2.65
CA ASN B 387 26.83 -18.68 -3.78
C ASN B 387 25.49 -17.94 -3.57
N PRO B 388 25.02 -17.18 -4.58
CA PRO B 388 23.74 -16.45 -4.41
C PRO B 388 22.50 -17.37 -4.34
N VAL B 389 22.50 -18.47 -5.14
CA VAL B 389 21.43 -19.48 -5.19
C VAL B 389 21.35 -20.24 -3.86
N ALA B 390 22.49 -20.61 -3.28
CA ALA B 390 22.56 -21.31 -2.01
C ALA B 390 22.04 -20.41 -0.89
N ASN B 391 22.45 -19.13 -0.90
CA ASN B 391 22.02 -18.13 0.08
C ASN B 391 20.51 -17.98 0.05
N PHE B 392 19.92 -17.94 -1.17
CA PHE B 392 18.48 -17.84 -1.40
C PHE B 392 17.75 -18.95 -0.67
N HIS B 393 18.08 -20.21 -0.98
CA HIS B 393 17.43 -21.39 -0.39
C HIS B 393 17.69 -21.57 1.08
N LEU B 394 18.90 -21.26 1.56
CA LEU B 394 19.21 -21.40 2.98
C LEU B 394 18.44 -20.38 3.83
N GLN B 395 18.20 -19.17 3.28
CA GLN B 395 17.38 -18.10 3.87
C GLN B 395 15.96 -18.58 4.10
N ASN B 396 15.45 -19.34 3.10
CA ASN B 396 14.09 -19.90 3.03
C ASN B 396 13.92 -21.10 3.99
N GLY B 397 15.03 -21.62 4.54
CA GLY B 397 14.99 -22.75 5.48
C GLY B 397 15.33 -24.12 4.92
N ALA B 398 15.92 -24.14 3.70
CA ALA B 398 16.36 -25.36 3.02
C ALA B 398 17.64 -25.91 3.67
N VAL B 399 17.98 -27.17 3.34
CA VAL B 399 19.17 -27.89 3.87
C VAL B 399 20.07 -28.29 2.68
N LEU B 400 21.40 -27.96 2.71
CA LEU B 400 22.33 -28.39 1.64
C LEU B 400 22.38 -29.92 1.72
N TRP B 401 21.46 -30.57 0.99
CA TRP B 401 21.17 -32.00 1.03
C TRP B 401 22.02 -32.89 0.08
N ARG B 402 22.17 -32.53 -1.22
CA ARG B 402 22.96 -33.38 -2.12
C ARG B 402 23.71 -32.60 -3.19
N ILE B 403 24.91 -33.09 -3.56
CA ILE B 403 25.74 -32.53 -4.63
C ILE B 403 25.67 -33.57 -5.77
N ASN B 404 25.21 -33.12 -6.95
CA ASN B 404 24.99 -33.97 -8.11
C ASN B 404 26.06 -33.78 -9.20
N TRP B 405 26.79 -34.86 -9.52
CA TRP B 405 27.84 -34.89 -10.55
C TRP B 405 27.20 -35.05 -11.94
N MET B 406 27.61 -34.20 -12.90
CA MET B 406 27.14 -34.17 -14.29
C MET B 406 25.59 -34.10 -14.35
N ALA B 407 24.99 -33.21 -13.55
CA ALA B 407 23.54 -32.98 -13.49
C ALA B 407 23.09 -32.10 -14.66
N ASP B 408 23.96 -31.18 -15.12
CA ASP B 408 23.66 -30.30 -16.26
C ASP B 408 24.82 -30.37 -17.24
N VAL B 409 24.74 -31.32 -18.18
CA VAL B 409 25.78 -31.53 -19.19
C VAL B 409 25.60 -30.56 -20.39
N SER B 410 24.80 -29.49 -20.22
CA SER B 410 24.59 -28.47 -21.25
C SER B 410 25.83 -27.55 -21.36
N LEU B 411 25.92 -26.73 -22.44
CA LEU B 411 27.03 -25.79 -22.67
C LEU B 411 27.17 -24.81 -21.50
N ARG B 412 26.03 -24.26 -21.02
CA ARG B 412 25.98 -23.32 -19.90
C ARG B 412 26.19 -24.06 -18.56
N GLY B 413 25.80 -25.33 -18.52
CA GLY B 413 25.91 -26.21 -17.36
C GLY B 413 27.32 -26.65 -17.04
N ILE B 414 28.15 -26.88 -18.08
CA ILE B 414 29.55 -27.28 -17.98
C ILE B 414 30.42 -26.02 -17.77
N THR B 415 30.15 -24.94 -18.53
CA THR B 415 30.91 -23.69 -18.39
C THR B 415 30.55 -22.93 -17.11
N GLY B 416 29.35 -23.13 -16.57
CA GLY B 416 28.88 -22.45 -15.36
C GLY B 416 29.24 -23.08 -14.02
N SER B 417 28.95 -24.39 -13.87
CA SER B 417 29.18 -25.12 -12.62
C SER B 417 29.89 -26.47 -12.82
N CYS B 418 30.55 -26.70 -13.99
CA CYS B 418 31.30 -27.92 -14.37
C CYS B 418 30.43 -29.19 -14.39
N GLY B 419 29.15 -29.01 -14.75
CA GLY B 419 28.15 -30.07 -14.82
C GLY B 419 27.44 -30.31 -13.50
N LEU B 420 28.00 -29.78 -12.38
CA LEU B 420 27.47 -29.95 -11.02
C LEU B 420 26.21 -29.11 -10.73
N MET B 421 25.28 -29.73 -9.98
CA MET B 421 24.03 -29.13 -9.50
C MET B 421 23.83 -29.59 -8.05
N ALA B 422 22.89 -28.98 -7.32
CA ALA B 422 22.65 -29.35 -5.92
C ALA B 422 21.17 -29.34 -5.55
N ASN B 423 20.81 -30.14 -4.54
CA ASN B 423 19.45 -30.27 -4.02
C ASN B 423 19.35 -29.59 -2.67
N TYR B 424 18.61 -28.46 -2.61
CA TYR B 424 18.35 -27.72 -1.37
C TYR B 424 16.99 -28.21 -0.91
N ARG B 425 17.00 -29.19 0.05
CA ARG B 425 15.79 -29.86 0.53
C ARG B 425 15.03 -29.08 1.60
N TYR B 426 13.72 -28.95 1.37
CA TYR B 426 12.77 -28.26 2.21
C TYR B 426 12.02 -29.23 3.12
N PHE B 427 12.47 -29.33 4.39
CA PHE B 427 11.80 -30.12 5.40
C PHE B 427 10.87 -29.13 6.09
N LEU B 428 9.61 -29.09 5.66
CA LEU B 428 8.60 -28.08 6.08
C LEU B 428 8.44 -27.96 7.61
N GLU B 429 8.61 -29.08 8.33
CA GLU B 429 8.51 -29.14 9.79
C GLU B 429 9.62 -28.30 10.49
N GLU B 430 10.76 -28.02 9.78
CA GLU B 430 11.89 -27.29 10.35
C GLU B 430 12.40 -26.11 9.48
N THR B 431 11.63 -25.66 8.46
CA THR B 431 12.04 -24.53 7.61
C THR B 431 12.16 -23.24 8.44
N GLY B 432 11.27 -23.08 9.42
CA GLY B 432 11.26 -21.94 10.34
C GLY B 432 12.55 -21.80 11.12
N PRO B 433 12.91 -22.80 11.98
CA PRO B 433 14.17 -22.70 12.73
C PRO B 433 15.42 -22.62 11.86
N ASN B 434 15.44 -23.29 10.68
CA ASN B 434 16.57 -23.28 9.75
C ASN B 434 16.76 -21.89 9.14
N SER B 435 15.64 -21.22 8.83
CA SER B 435 15.64 -19.86 8.30
C SER B 435 16.27 -18.91 9.33
N THR B 436 15.86 -19.06 10.62
CA THR B 436 16.32 -18.31 11.79
C THR B 436 17.81 -18.54 12.03
N SER B 437 18.25 -19.83 12.13
CA SER B 437 19.65 -20.24 12.35
C SER B 437 20.59 -19.69 11.27
N TYR B 438 20.14 -19.61 10.01
CA TYR B 438 20.94 -19.10 8.92
C TYR B 438 21.04 -17.57 8.97
N LEU B 439 19.89 -16.86 8.98
CA LEU B 439 19.92 -15.40 9.01
C LEU B 439 20.59 -14.89 10.31
N GLY B 440 20.14 -15.41 11.46
CA GLY B 440 20.65 -15.04 12.78
C GLY B 440 22.09 -15.43 13.08
N SER B 441 22.37 -16.76 13.26
CA SER B 441 23.66 -17.31 13.64
C SER B 441 24.58 -17.76 12.44
N LYS B 442 24.16 -17.52 11.18
CA LYS B 442 24.87 -17.82 9.92
C LYS B 442 25.23 -19.33 9.76
N ILE B 443 24.37 -20.21 10.32
CA ILE B 443 24.52 -21.68 10.30
C ILE B 443 23.88 -22.27 9.03
N ILE B 444 24.64 -23.15 8.36
CA ILE B 444 24.19 -23.91 7.20
C ILE B 444 23.94 -25.35 7.67
N LYS B 445 22.69 -25.81 7.54
CA LYS B 445 22.33 -27.19 7.89
C LYS B 445 22.64 -28.04 6.66
N ALA B 446 23.46 -29.09 6.81
CA ALA B 446 23.86 -29.95 5.67
C ALA B 446 23.68 -31.46 5.92
N SER B 447 23.62 -32.24 4.81
CA SER B 447 23.50 -33.71 4.85
C SER B 447 24.85 -34.33 5.15
N GLU B 448 24.87 -35.63 5.55
CA GLU B 448 26.13 -36.33 5.83
C GLU B 448 27.00 -36.39 4.57
N GLN B 449 26.37 -36.61 3.37
CA GLN B 449 27.03 -36.69 2.06
C GLN B 449 27.86 -35.43 1.79
N VAL B 450 27.24 -34.25 1.99
CA VAL B 450 27.82 -32.93 1.79
C VAL B 450 28.93 -32.68 2.81
N LEU B 451 28.69 -32.98 4.11
CA LEU B 451 29.65 -32.77 5.20
C LEU B 451 30.86 -33.71 5.11
N SER B 452 30.70 -34.90 4.47
CA SER B 452 31.79 -35.86 4.25
C SER B 452 32.79 -35.29 3.24
N LEU B 453 32.26 -34.60 2.20
CA LEU B 453 33.05 -33.97 1.13
C LEU B 453 33.81 -32.74 1.66
N VAL B 454 33.31 -32.12 2.74
CA VAL B 454 33.96 -30.96 3.39
C VAL B 454 35.01 -31.53 4.37
N ALA B 455 34.78 -32.76 4.90
CA ALA B 455 35.70 -33.46 5.80
C ALA B 455 36.93 -33.91 5.02
N GLN B 456 36.76 -34.22 3.71
CA GLN B 456 37.82 -34.59 2.76
C GLN B 456 38.73 -33.38 2.51
N PHE B 457 38.12 -32.21 2.35
CA PHE B 457 38.76 -30.91 2.21
C PHE B 457 39.35 -30.48 3.57
UNK UNX C . -6.97 -3.39 -10.72
UNK UNX D . -6.58 -9.47 -6.95
C1 EDO E . 6.35 15.75 1.56
O1 EDO E . 7.10 14.53 1.65
C2 EDO E . 6.71 16.64 0.37
O2 EDO E . 6.03 16.35 -0.86
#